data_2XSX
#
_entry.id   2XSX
#
_cell.length_a   95.878
_cell.length_b   105.531
_cell.length_c   106.091
_cell.angle_alpha   90.00
_cell.angle_beta   90.00
_cell.angle_gamma   90.00
#
_symmetry.space_group_name_H-M   'P 21 21 21'
#
loop_
_entity.id
_entity.type
_entity.pdbx_description
1 polymer BETA-ENOLASE
2 non-polymer 'MAGNESIUM ION'
3 non-polymer 'PHOSPHATE ION'
4 non-polymer 1,2-ETHANEDIOL
5 water water
#
_entity_poly.entity_id   1
_entity_poly.type   'polypeptide(L)'
_entity_poly.pdbx_seq_one_letter_code
;SMAMQKIFAREILDSRGNPTVEVDLHTAKGRFRAAVPSGASTGIYEALELRDGDKGRYLGKGVLKAVENINSTLGPALLQ
KKLSVADQEKVDKFMIELDGTENKSKFGANAILGVSLAVCKAGAAEKGVPLYRHIADLAGNPDLILPVPAFNVINGGSHA
GNKLAMQEFMILPVGASSFKEAMRIGAEVYHHLKGVIKAKYGKDATNVGDEGGFAPNILENNEALELLKTAIQAAGYPDK
VVIGMDVAASEFYRNGKYDLDFKSPDDPARHITGEKLGELYKSFIKNYPVVSIEDPFDQDDWATWTSFLSGVNIQIVGDD
LTVTNPKRIAQAVEKKACNCLLLKVNQIGSVTESIQACKLAQSNGWGVMVSHRSGETEDTFIADLVVGLCTGQIKTGAPC
RSERLAKYNQLMRIEEALGDKAIFAGRKFRNPKAK
;
_entity_poly.pdbx_strand_id   A,B
#
loop_
_chem_comp.id
_chem_comp.type
_chem_comp.name
_chem_comp.formula
EDO non-polymer 1,2-ETHANEDIOL 'C2 H6 O2'
MG non-polymer 'MAGNESIUM ION' 'Mg 2'
PO4 non-polymer 'PHOSPHATE ION' 'O4 P -3'
#
# COMPACT_ATOMS: atom_id res chain seq x y z
N MET A 2 -31.68 -11.87 -0.70
CA MET A 2 -30.94 -13.17 -0.59
C MET A 2 -30.31 -13.64 -1.90
N ALA A 3 -30.84 -13.14 -3.04
CA ALA A 3 -30.44 -13.62 -4.37
C ALA A 3 -29.16 -12.98 -4.96
N MET A 4 -28.30 -13.83 -5.53
CA MET A 4 -27.10 -13.41 -6.24
C MET A 4 -27.50 -13.11 -7.69
N GLN A 5 -27.12 -11.95 -8.22
CA GLN A 5 -27.52 -11.52 -9.57
C GLN A 5 -26.40 -11.69 -10.59
N LYS A 6 -25.18 -11.33 -10.22
CA LYS A 6 -24.07 -11.34 -11.15
C LYS A 6 -22.77 -11.63 -10.41
N ILE A 7 -21.90 -12.43 -11.02
CA ILE A 7 -20.54 -12.69 -10.49
C ILE A 7 -19.53 -12.46 -11.63
N PHE A 8 -18.50 -11.66 -11.39
CA PHE A 8 -17.50 -11.33 -12.39
C PHE A 8 -16.11 -11.22 -11.76
N ALA A 9 -15.15 -11.91 -12.37
CA ALA A 9 -13.78 -11.90 -11.91
C ALA A 9 -12.82 -11.21 -12.88
N ARG A 10 -11.77 -10.60 -12.31
CA ARG A 10 -10.71 -9.94 -13.08
C ARG A 10 -9.34 -10.20 -12.47
N GLU A 11 -8.31 -9.85 -13.23
CA GLU A 11 -6.93 -9.85 -12.78
C GLU A 11 -6.51 -8.43 -12.38
N ILE A 12 -6.01 -8.28 -11.15
CA ILE A 12 -5.43 -7.02 -10.61
C ILE A 12 -3.99 -7.30 -10.15
N LEU A 13 -3.24 -6.25 -9.80
CA LEU A 13 -1.88 -6.44 -9.26
C LEU A 13 -1.91 -6.34 -7.75
N ASP A 14 -1.21 -7.30 -7.12
CA ASP A 14 -0.95 -7.26 -5.69
C ASP A 14 0.16 -6.28 -5.32
N SER A 15 0.41 -6.12 -4.03
CA SER A 15 1.33 -5.14 -3.46
C SER A 15 2.82 -5.33 -3.86
N ARG A 16 3.18 -6.50 -4.43
CA ARG A 16 4.55 -6.75 -4.94
C ARG A 16 4.61 -6.69 -6.48
N GLY A 17 3.53 -6.26 -7.13
CA GLY A 17 3.48 -6.20 -8.57
C GLY A 17 3.16 -7.52 -9.28
N ASN A 18 2.61 -8.51 -8.56
CA ASN A 18 2.20 -9.78 -9.18
C ASN A 18 0.66 -9.90 -9.33
N PRO A 19 0.20 -10.55 -10.42
CA PRO A 19 -1.26 -10.67 -10.56
C PRO A 19 -1.94 -11.44 -9.45
N THR A 20 -3.18 -11.05 -9.18
CA THR A 20 -4.06 -11.88 -8.36
C THR A 20 -5.53 -11.70 -8.75
N VAL A 21 -6.38 -12.52 -8.13
CA VAL A 21 -7.82 -12.58 -8.42
C VAL A 21 -8.62 -11.54 -7.61
N GLU A 22 -9.54 -10.86 -8.30
CA GLU A 22 -10.56 -10.05 -7.66
C GLU A 22 -11.93 -10.43 -8.24
N VAL A 23 -12.93 -10.51 -7.36
CA VAL A 23 -14.29 -10.89 -7.74
C VAL A 23 -15.28 -9.80 -7.30
N ASP A 24 -16.20 -9.49 -8.19
CA ASP A 24 -17.37 -8.66 -7.90
C ASP A 24 -18.64 -9.53 -7.89
N LEU A 25 -19.38 -9.47 -6.79
CA LEU A 25 -20.69 -10.12 -6.72
C LEU A 25 -21.73 -9.01 -6.51
N HIS A 26 -22.76 -9.01 -7.36
CA HIS A 26 -23.87 -8.06 -7.25
C HIS A 26 -25.16 -8.69 -6.74
N THR A 27 -25.81 -8.00 -5.82
CA THR A 27 -27.13 -8.34 -5.35
C THR A 27 -27.98 -7.05 -5.38
N ALA A 28 -29.24 -7.15 -4.94
CA ALA A 28 -30.15 -5.99 -4.89
C ALA A 28 -29.58 -4.88 -4.00
N LYS A 29 -28.69 -5.25 -3.10
CA LYS A 29 -28.02 -4.30 -2.20
C LYS A 29 -26.78 -3.63 -2.78
N GLY A 30 -26.34 -4.02 -3.99
CA GLY A 30 -25.16 -3.39 -4.57
C GLY A 30 -24.05 -4.33 -4.95
N ARG A 31 -22.86 -3.76 -5.12
CA ARG A 31 -21.68 -4.50 -5.53
C ARG A 31 -20.78 -4.81 -4.36
N PHE A 32 -20.35 -6.06 -4.27
CA PHE A 32 -19.48 -6.52 -3.20
C PHE A 32 -18.21 -7.08 -3.80
N ARG A 33 -17.07 -6.45 -3.47
CA ARG A 33 -15.80 -6.70 -4.13
C ARG A 33 -14.77 -7.27 -3.13
N ALA A 34 -14.07 -8.33 -3.52
CA ALA A 34 -13.02 -8.94 -2.70
C ALA A 34 -11.85 -9.38 -3.57
N ALA A 35 -10.65 -9.33 -2.99
CA ALA A 35 -9.44 -9.76 -3.65
C ALA A 35 -8.66 -10.76 -2.79
N VAL A 36 -7.93 -11.64 -3.45
CA VAL A 36 -7.20 -12.73 -2.82
C VAL A 36 -5.69 -12.44 -2.69
N PRO A 37 -5.12 -12.69 -1.49
CA PRO A 37 -3.69 -12.45 -1.26
C PRO A 37 -2.86 -13.64 -1.77
N SER A 38 -1.58 -13.43 -2.02
N SER A 38 -1.55 -13.61 -1.54
CA SER A 38 -0.80 -14.44 -2.76
CA SER A 38 -0.65 -14.68 -2.01
C SER A 38 -0.69 -15.67 -1.88
C SER A 38 0.74 -14.59 -1.36
N GLY A 39 -0.51 -16.84 -2.50
N GLY A 39 1.30 -15.73 -1.02
CA GLY A 39 -0.39 -18.10 -1.73
CA GLY A 39 2.67 -15.78 -0.49
C GLY A 39 0.64 -19.03 -2.32
C GLY A 39 3.44 -16.94 -1.08
N ALA A 40 0.26 -20.28 -2.54
N ALA A 40 4.58 -17.25 -0.48
CA ALA A 40 1.21 -21.34 -2.95
CA ALA A 40 5.40 -18.37 -0.89
C ALA A 40 0.63 -22.27 -4.04
C ALA A 40 4.66 -19.69 -0.68
N SER A 41 1.33 -22.36 -5.17
N SER A 41 5.08 -20.70 -1.44
CA SER A 41 0.82 -23.15 -6.31
CA SER A 41 4.40 -21.97 -1.59
C SER A 41 1.33 -24.58 -6.27
C SER A 41 4.92 -22.99 -0.57
N THR A 42 2.19 -24.88 -5.30
N THR A 42 4.13 -23.99 -0.18
CA THR A 42 2.66 -26.22 -5.09
CA THR A 42 4.70 -25.17 0.49
C THR A 42 2.81 -26.40 -3.57
C THR A 42 4.01 -26.52 0.21
N GLY A 43 2.77 -27.64 -3.12
N GLY A 43 3.13 -26.55 -0.78
CA GLY A 43 2.81 -27.93 -1.69
CA GLY A 43 2.80 -27.80 -1.48
C GLY A 43 1.90 -29.10 -1.36
C GLY A 43 1.75 -28.75 -0.93
N ILE A 44 2.22 -29.84 -0.30
CA ILE A 44 1.40 -30.99 0.06
C ILE A 44 0.20 -30.68 0.96
N TYR A 45 0.33 -29.64 1.79
CA TYR A 45 -0.63 -29.45 2.90
C TYR A 45 -1.51 -28.23 2.73
N GLU A 46 -1.33 -27.48 1.67
CA GLU A 46 -2.23 -26.34 1.54
C GLU A 46 -3.02 -26.42 0.25
N ALA A 47 -4.08 -25.62 0.21
CA ALA A 47 -4.88 -25.49 -0.99
C ALA A 47 -4.01 -24.88 -2.08
N LEU A 48 -4.16 -25.36 -3.31
CA LEU A 48 -3.36 -24.93 -4.45
C LEU A 48 -3.89 -23.69 -5.14
N GLU A 49 -3.09 -22.63 -5.11
CA GLU A 49 -3.27 -21.45 -5.94
C GLU A 49 -3.02 -21.82 -7.43
N LEU A 50 -3.93 -21.46 -8.32
CA LEU A 50 -3.70 -21.74 -9.76
C LEU A 50 -3.02 -20.55 -10.42
N ARG A 51 -1.82 -20.78 -10.96
CA ARG A 51 -1.06 -19.79 -11.73
C ARG A 51 -0.98 -20.28 -13.18
N ASP A 52 -0.87 -19.33 -14.10
CA ASP A 52 -0.90 -19.68 -15.53
C ASP A 52 0.34 -20.41 -16.02
N GLY A 53 1.52 -20.07 -15.48
CA GLY A 53 2.76 -20.71 -15.87
C GLY A 53 3.21 -20.35 -17.30
N ASP A 54 2.71 -19.23 -17.82
CA ASP A 54 3.24 -18.69 -19.07
C ASP A 54 4.48 -17.88 -18.75
N LYS A 55 5.66 -18.44 -18.96
CA LYS A 55 6.91 -17.82 -18.49
C LYS A 55 7.16 -16.42 -19.12
N GLY A 56 6.51 -16.15 -20.26
CA GLY A 56 6.66 -14.85 -20.94
C GLY A 56 5.74 -13.77 -20.44
N ARG A 57 4.73 -14.15 -19.63
CA ARG A 57 3.72 -13.19 -19.18
C ARG A 57 3.74 -13.11 -17.63
N TYR A 58 4.11 -11.95 -17.10
CA TYR A 58 4.24 -11.75 -15.66
C TYR A 58 5.10 -12.87 -15.00
N LEU A 59 6.13 -13.29 -15.74
CA LEU A 59 7.11 -14.27 -15.26
C LEU A 59 6.42 -15.56 -14.74
N GLY A 60 5.36 -15.95 -15.44
CA GLY A 60 4.63 -17.20 -15.13
C GLY A 60 3.55 -17.06 -14.06
N LYS A 61 3.33 -15.83 -13.57
CA LYS A 61 2.43 -15.60 -12.41
C LYS A 61 1.04 -15.06 -12.77
N GLY A 62 0.65 -15.13 -14.03
CA GLY A 62 -0.67 -14.67 -14.40
C GLY A 62 -1.73 -15.49 -13.68
N VAL A 63 -2.93 -14.92 -13.56
CA VAL A 63 -4.09 -15.68 -13.03
C VAL A 63 -5.31 -15.69 -13.98
N LEU A 64 -5.05 -15.62 -15.28
CA LEU A 64 -6.08 -15.72 -16.30
C LEU A 64 -6.89 -17.01 -16.18
N LYS A 65 -6.23 -18.12 -15.87
CA LYS A 65 -6.95 -19.39 -15.85
C LYS A 65 -7.93 -19.42 -14.66
N ALA A 66 -7.49 -18.95 -13.50
CA ALA A 66 -8.36 -18.91 -12.31
C ALA A 66 -9.54 -17.99 -12.55
N VAL A 67 -9.27 -16.83 -13.14
CA VAL A 67 -10.31 -15.83 -13.49
C VAL A 67 -11.32 -16.38 -14.47
N GLU A 68 -10.84 -17.06 -15.53
CA GLU A 68 -11.72 -17.71 -16.50
C GLU A 68 -12.51 -18.87 -15.86
N ASN A 69 -11.90 -19.64 -14.95
CA ASN A 69 -12.64 -20.67 -14.21
C ASN A 69 -13.85 -20.07 -13.47
N ILE A 70 -13.68 -18.89 -12.87
CA ILE A 70 -14.82 -18.20 -12.24
C ILE A 70 -15.85 -17.76 -13.30
N ASN A 71 -15.40 -17.06 -14.35
CA ASN A 71 -16.33 -16.43 -15.29
C ASN A 71 -17.10 -17.43 -16.15
N SER A 72 -16.43 -18.53 -16.50
CA SER A 72 -16.96 -19.49 -17.44
C SER A 72 -17.65 -20.68 -16.75
N THR A 73 -17.20 -21.06 -15.56
CA THR A 73 -17.64 -22.34 -14.97
C THR A 73 -18.23 -22.22 -13.54
N LEU A 74 -17.41 -21.79 -12.60
CA LEU A 74 -17.78 -21.75 -11.18
C LEU A 74 -18.90 -20.74 -10.87
N GLY A 75 -18.77 -19.53 -11.40
CA GLY A 75 -19.76 -18.46 -11.20
C GLY A 75 -21.13 -18.82 -11.72
N PRO A 76 -21.23 -19.15 -13.02
CA PRO A 76 -22.53 -19.56 -13.55
C PRO A 76 -23.13 -20.76 -12.83
N ALA A 77 -22.30 -21.71 -12.40
CA ALA A 77 -22.78 -22.91 -11.68
C ALA A 77 -23.39 -22.53 -10.34
N LEU A 78 -22.72 -21.63 -9.63
CA LEU A 78 -23.21 -21.18 -8.30
C LEU A 78 -24.54 -20.43 -8.50
N LEU A 79 -24.57 -19.50 -9.46
CA LEU A 79 -25.79 -18.72 -9.73
C LEU A 79 -27.00 -19.61 -10.05
N GLN A 80 -26.81 -20.63 -10.91
CA GLN A 80 -27.85 -21.57 -11.29
C GLN A 80 -28.42 -22.33 -10.08
N LYS A 81 -27.60 -22.50 -9.06
CA LYS A 81 -28.01 -23.23 -7.85
C LYS A 81 -28.97 -22.44 -6.94
N LYS A 82 -29.09 -21.11 -7.18
CA LYS A 82 -30.00 -20.22 -6.44
C LYS A 82 -29.90 -20.38 -4.92
N LEU A 83 -28.69 -20.18 -4.40
CA LEU A 83 -28.45 -20.29 -2.96
C LEU A 83 -28.51 -18.93 -2.31
N SER A 84 -28.97 -18.90 -1.05
CA SER A 84 -28.95 -17.66 -0.27
C SER A 84 -27.52 -17.21 0.03
N VAL A 85 -27.28 -15.93 -0.21
CA VAL A 85 -25.97 -15.32 -0.04
C VAL A 85 -25.57 -15.31 1.47
N ALA A 86 -26.57 -15.36 2.35
CA ALA A 86 -26.32 -15.49 3.79
C ALA A 86 -25.89 -16.91 4.23
N ASP A 87 -26.15 -17.95 3.42
CA ASP A 87 -25.79 -19.31 3.85
C ASP A 87 -24.38 -19.62 3.39
N GLN A 88 -23.41 -19.06 4.12
CA GLN A 88 -22.00 -19.19 3.75
C GLN A 88 -21.63 -20.67 3.69
N GLU A 89 -22.13 -21.45 4.64
CA GLU A 89 -21.75 -22.86 4.73
C GLU A 89 -22.19 -23.66 3.49
N LYS A 90 -23.43 -23.47 3.04
CA LYS A 90 -23.95 -24.20 1.87
C LYS A 90 -23.28 -23.74 0.59
N VAL A 91 -22.96 -22.46 0.51
CA VAL A 91 -22.27 -21.95 -0.67
C VAL A 91 -20.86 -22.55 -0.79
N ASP A 92 -20.12 -22.51 0.32
CA ASP A 92 -18.75 -23.02 0.31
C ASP A 92 -18.74 -24.53 0.07
N LYS A 93 -19.67 -25.25 0.71
CA LYS A 93 -19.80 -26.69 0.49
C LYS A 93 -20.04 -26.97 -1.00
N PHE A 94 -20.90 -26.18 -1.61
CA PHE A 94 -21.25 -26.38 -3.00
C PHE A 94 -20.01 -26.26 -3.88
N MET A 95 -19.23 -25.21 -3.66
CA MET A 95 -18.03 -24.95 -4.47
C MET A 95 -16.96 -26.04 -4.23
N ILE A 96 -16.82 -26.46 -2.97
CA ILE A 96 -15.85 -27.50 -2.60
C ILE A 96 -16.20 -28.81 -3.29
N GLU A 97 -17.49 -29.17 -3.34
CA GLU A 97 -17.90 -30.42 -3.97
C GLU A 97 -17.85 -30.32 -5.50
N LEU A 98 -18.15 -29.14 -6.05
CA LEU A 98 -18.06 -28.96 -7.50
C LEU A 98 -16.62 -29.16 -8.00
N ASP A 99 -15.68 -28.59 -7.25
CA ASP A 99 -14.25 -28.76 -7.54
C ASP A 99 -13.86 -30.23 -7.36
N GLY A 100 -14.23 -30.79 -6.22
CA GLY A 100 -14.15 -32.25 -6.01
C GLY A 100 -12.78 -32.83 -5.72
N THR A 101 -11.78 -31.95 -5.62
CA THR A 101 -10.43 -32.36 -5.20
C THR A 101 -10.16 -31.93 -3.75
N GLU A 102 -9.21 -32.59 -3.10
CA GLU A 102 -8.87 -32.23 -1.71
C GLU A 102 -8.15 -30.88 -1.55
N ASN A 103 -7.44 -30.44 -2.59
CA ASN A 103 -6.66 -29.22 -2.50
C ASN A 103 -7.14 -28.07 -3.41
N LYS A 104 -8.38 -28.17 -3.90
CA LYS A 104 -9.01 -27.11 -4.71
C LYS A 104 -8.26 -26.86 -6.03
N SER A 105 -7.71 -27.93 -6.62
CA SER A 105 -6.84 -27.80 -7.80
C SER A 105 -7.55 -27.96 -9.15
N LYS A 106 -8.86 -28.21 -9.14
CA LYS A 106 -9.65 -28.16 -10.39
C LYS A 106 -9.87 -26.69 -10.79
N PHE A 107 -10.40 -25.88 -9.88
CA PHE A 107 -10.64 -24.45 -10.16
C PHE A 107 -9.53 -23.53 -9.67
N GLY A 108 -8.77 -23.98 -8.66
CA GLY A 108 -7.83 -23.16 -7.98
C GLY A 108 -8.36 -22.60 -6.65
N ALA A 109 -7.54 -22.68 -5.60
CA ALA A 109 -7.93 -22.15 -4.29
C ALA A 109 -8.20 -20.64 -4.35
N ASN A 110 -7.47 -19.96 -5.25
CA ASN A 110 -7.63 -18.52 -5.43
C ASN A 110 -8.95 -18.14 -6.09
N ALA A 111 -9.43 -18.99 -7.01
CA ALA A 111 -10.76 -18.84 -7.64
C ALA A 111 -11.87 -19.06 -6.59
N ILE A 112 -11.80 -20.18 -5.89
CA ILE A 112 -12.84 -20.50 -4.88
C ILE A 112 -12.86 -19.44 -3.77
N LEU A 113 -11.70 -19.06 -3.24
CA LEU A 113 -11.69 -18.10 -2.14
C LEU A 113 -12.26 -16.74 -2.57
N GLY A 114 -11.89 -16.26 -3.75
CA GLY A 114 -12.40 -14.96 -4.18
C GLY A 114 -13.93 -14.90 -4.17
N VAL A 115 -14.56 -15.96 -4.64
CA VAL A 115 -16.02 -16.06 -4.62
C VAL A 115 -16.52 -16.15 -3.18
N SER A 116 -15.87 -17.01 -2.39
CA SER A 116 -16.26 -17.17 -0.97
C SER A 116 -16.27 -15.82 -0.20
N LEU A 117 -15.25 -14.99 -0.41
CA LEU A 117 -15.15 -13.69 0.27
C LEU A 117 -16.23 -12.73 -0.15
N ALA A 118 -16.47 -12.67 -1.45
CA ALA A 118 -17.49 -11.75 -1.99
C ALA A 118 -18.88 -12.13 -1.50
N VAL A 119 -19.16 -13.44 -1.48
CA VAL A 119 -20.45 -13.97 -0.94
C VAL A 119 -20.65 -13.57 0.53
N CYS A 120 -19.58 -13.66 1.34
CA CYS A 120 -19.68 -13.31 2.76
C CYS A 120 -20.01 -11.82 2.95
N LYS A 121 -19.39 -10.98 2.15
CA LYS A 121 -19.65 -9.52 2.25
C LYS A 121 -21.12 -9.21 1.86
N ALA A 122 -21.59 -9.84 0.79
CA ALA A 122 -22.99 -9.69 0.33
C ALA A 122 -23.96 -10.24 1.38
N GLY A 123 -23.60 -11.34 2.02
CA GLY A 123 -24.52 -11.99 2.98
C GLY A 123 -24.74 -11.13 4.23
N ALA A 124 -23.67 -10.47 4.67
CA ALA A 124 -23.75 -9.52 5.81
C ALA A 124 -24.79 -8.45 5.50
N ALA A 125 -24.69 -7.84 4.32
CA ALA A 125 -25.63 -6.78 3.94
C ALA A 125 -27.09 -7.27 3.87
N GLU A 126 -27.31 -8.49 3.32
CA GLU A 126 -28.64 -9.12 3.17
C GLU A 126 -29.31 -9.33 4.54
N LYS A 127 -28.49 -9.66 5.53
CA LYS A 127 -28.92 -9.87 6.93
C LYS A 127 -29.11 -8.57 7.73
N GLY A 128 -28.72 -7.43 7.16
CA GLY A 128 -28.78 -6.16 7.92
C GLY A 128 -27.75 -5.99 9.05
N VAL A 129 -26.60 -6.67 8.99
CA VAL A 129 -25.54 -6.54 10.01
C VAL A 129 -24.18 -6.24 9.35
N PRO A 130 -23.25 -5.62 10.10
CA PRO A 130 -21.92 -5.37 9.53
C PRO A 130 -21.17 -6.67 9.22
N LEU A 131 -20.22 -6.61 8.31
CA LEU A 131 -19.40 -7.79 7.99
C LEU A 131 -18.82 -8.51 9.23
N TYR A 132 -18.22 -7.77 10.17
CA TYR A 132 -17.62 -8.37 11.38
C TYR A 132 -18.68 -9.09 12.21
N ARG A 133 -19.90 -8.55 12.24
CA ARG A 133 -20.99 -9.18 12.98
C ARG A 133 -21.50 -10.46 12.30
N HIS A 134 -21.63 -10.46 10.99
CA HIS A 134 -21.97 -11.67 10.21
C HIS A 134 -20.96 -12.77 10.44
N ILE A 135 -19.66 -12.43 10.46
CA ILE A 135 -18.62 -13.42 10.74
C ILE A 135 -18.76 -14.00 12.15
N ALA A 136 -19.05 -13.14 13.12
CA ALA A 136 -19.28 -13.58 14.49
C ALA A 136 -20.50 -14.49 14.60
N ASP A 137 -21.52 -14.23 13.77
CA ASP A 137 -22.71 -15.04 13.71
C ASP A 137 -22.34 -16.45 13.16
N LEU A 138 -21.60 -16.46 12.04
CA LEU A 138 -21.11 -17.74 11.45
C LEU A 138 -20.23 -18.55 12.40
N ALA A 139 -19.49 -17.87 13.27
CA ALA A 139 -18.57 -18.51 14.22
C ALA A 139 -19.25 -18.90 15.55
N GLY A 140 -20.48 -18.47 15.75
CA GLY A 140 -21.16 -18.68 17.04
C GLY A 140 -20.66 -17.80 18.20
N ASN A 141 -20.17 -16.59 17.92
CA ASN A 141 -19.65 -15.70 18.95
C ASN A 141 -20.63 -14.57 19.26
N PRO A 142 -21.05 -14.42 20.53
CA PRO A 142 -21.93 -13.32 20.87
C PRO A 142 -21.28 -11.94 20.93
N ASP A 143 -20.01 -11.92 21.30
CA ASP A 143 -19.28 -10.67 21.45
C ASP A 143 -18.37 -10.38 20.23
N LEU A 144 -17.80 -9.17 20.25
CA LEU A 144 -16.83 -8.70 19.26
C LEU A 144 -15.63 -8.18 20.05
N ILE A 145 -14.40 -8.48 19.57
CA ILE A 145 -13.17 -8.07 20.24
C ILE A 145 -12.20 -7.42 19.25
N LEU A 146 -11.73 -6.23 19.62
CA LEU A 146 -10.65 -5.61 18.84
C LEU A 146 -9.32 -6.28 19.22
N PRO A 147 -8.50 -6.63 18.22
CA PRO A 147 -7.25 -7.38 18.49
C PRO A 147 -6.10 -6.45 18.85
N VAL A 148 -5.09 -6.97 19.55
CA VAL A 148 -3.76 -6.32 19.59
C VAL A 148 -3.10 -6.52 18.20
N PRO A 149 -2.59 -5.45 17.57
CA PRO A 149 -1.84 -5.55 16.33
C PRO A 149 -0.39 -5.93 16.59
N ALA A 150 0.17 -6.80 15.74
CA ALA A 150 1.57 -7.26 15.84
C ALA A 150 2.26 -6.75 14.58
N PHE A 151 3.12 -5.76 14.75
CA PHE A 151 3.78 -5.05 13.62
C PHE A 151 5.19 -5.59 13.35
N ASN A 152 5.42 -6.14 12.14
CA ASN A 152 6.74 -6.69 11.77
C ASN A 152 7.71 -5.60 11.35
N VAL A 153 8.53 -5.13 12.31
CA VAL A 153 9.33 -3.92 12.09
C VAL A 153 10.83 -4.19 11.78
N ILE A 154 11.38 -5.35 12.15
CA ILE A 154 12.75 -5.73 11.80
C ILE A 154 12.68 -7.12 11.15
N ASN A 155 13.34 -7.25 10.02
CA ASN A 155 13.20 -8.38 9.13
C ASN A 155 14.55 -9.07 8.89
N GLY A 156 14.52 -10.40 8.83
CA GLY A 156 15.67 -11.21 8.45
C GLY A 156 15.22 -12.43 7.66
N GLY A 157 15.99 -13.49 7.79
CA GLY A 157 15.69 -14.77 7.20
C GLY A 157 15.83 -14.78 5.67
N SER A 158 15.12 -15.70 5.03
CA SER A 158 15.49 -16.14 3.68
C SER A 158 15.27 -15.06 2.63
N HIS A 159 14.35 -14.16 2.88
CA HIS A 159 14.05 -13.13 1.90
C HIS A 159 14.62 -11.69 2.22
N ALA A 160 15.54 -11.56 3.18
CA ALA A 160 16.33 -10.31 3.35
C ALA A 160 17.81 -10.64 3.14
N GLY A 161 18.58 -9.69 2.62
CA GLY A 161 19.98 -9.84 2.36
C GLY A 161 20.97 -9.52 3.47
N ASN A 162 20.48 -9.28 4.69
CA ASN A 162 21.32 -9.22 5.87
C ASN A 162 21.72 -10.65 6.27
N LYS A 163 22.54 -10.76 7.30
CA LYS A 163 22.92 -12.10 7.84
C LYS A 163 21.89 -12.63 8.87
N LEU A 164 21.11 -11.73 9.43
CA LEU A 164 20.09 -12.04 10.48
C LEU A 164 19.24 -13.26 10.08
N ALA A 165 19.33 -14.35 10.86
CA ALA A 165 18.71 -15.63 10.45
C ALA A 165 17.22 -15.66 10.74
N MET A 166 16.79 -15.10 11.87
CA MET A 166 15.36 -15.15 12.20
C MET A 166 14.55 -14.14 11.40
N GLN A 167 13.32 -14.53 11.04
CA GLN A 167 12.56 -13.85 10.00
C GLN A 167 11.84 -12.54 10.37
N GLU A 168 11.08 -12.56 11.47
CA GLU A 168 10.25 -11.40 11.83
C GLU A 168 10.43 -11.04 13.28
N PHE A 169 10.62 -9.74 13.52
CA PHE A 169 10.66 -9.16 14.86
C PHE A 169 9.52 -8.15 15.00
N MET A 170 8.51 -8.49 15.84
CA MET A 170 7.27 -7.72 15.92
C MET A 170 7.12 -6.98 17.25
N ILE A 171 6.46 -5.83 17.20
CA ILE A 171 6.06 -5.12 18.43
C ILE A 171 4.53 -5.23 18.59
N LEU A 172 4.07 -5.47 19.82
CA LEU A 172 2.65 -5.60 20.13
C LEU A 172 2.31 -4.63 21.28
N PRO A 173 1.47 -3.62 21.03
CA PRO A 173 1.14 -2.66 22.09
C PRO A 173 0.01 -3.18 23.01
N VAL A 174 0.31 -4.23 23.73
CA VAL A 174 -0.69 -4.87 24.62
C VAL A 174 -1.19 -3.96 25.74
N GLY A 175 -0.41 -2.94 26.11
CA GLY A 175 -0.79 -2.01 27.18
C GLY A 175 -1.56 -0.77 26.75
N ALA A 176 -1.94 -0.70 25.47
CA ALA A 176 -2.77 0.39 24.97
C ALA A 176 -4.16 0.36 25.58
N SER A 177 -4.78 1.53 25.68
CA SER A 177 -6.15 1.65 26.21
C SER A 177 -7.24 1.33 25.22
N SER A 178 -6.89 1.34 23.92
CA SER A 178 -7.84 1.12 22.82
C SER A 178 -7.07 0.73 21.58
N PHE A 179 -7.79 0.30 20.56
CA PHE A 179 -7.15 0.04 19.27
C PHE A 179 -6.52 1.29 18.66
N LYS A 180 -7.25 2.40 18.68
CA LYS A 180 -6.73 3.69 18.22
C LYS A 180 -5.40 4.05 18.87
N GLU A 181 -5.33 3.86 20.18
CA GLU A 181 -4.07 4.12 20.89
C GLU A 181 -3.00 3.05 20.60
N ALA A 182 -3.40 1.79 20.33
CA ALA A 182 -2.43 0.77 19.90
C ALA A 182 -1.75 1.21 18.59
N MET A 183 -2.53 1.78 17.67
CA MET A 183 -1.95 2.31 16.41
C MET A 183 -0.99 3.46 16.67
N ARG A 184 -1.37 4.38 17.56
CA ARG A 184 -0.49 5.51 17.87
C ARG A 184 0.85 5.03 18.47
N ILE A 185 0.77 4.11 19.41
CA ILE A 185 1.98 3.55 20.02
C ILE A 185 2.85 2.83 18.96
N GLY A 186 2.25 1.98 18.16
CA GLY A 186 2.97 1.25 17.13
C GLY A 186 3.65 2.17 16.13
N ALA A 187 2.91 3.15 15.62
CA ALA A 187 3.47 4.12 14.68
C ALA A 187 4.61 4.93 15.30
N GLU A 188 4.45 5.42 16.54
CA GLU A 188 5.50 6.20 17.16
C GLU A 188 6.76 5.37 17.38
N VAL A 189 6.59 4.14 17.83
CA VAL A 189 7.74 3.22 17.99
C VAL A 189 8.46 3.01 16.62
N TYR A 190 7.67 2.80 15.57
CA TYR A 190 8.20 2.59 14.22
C TYR A 190 9.02 3.79 13.75
N HIS A 191 8.50 5.00 13.95
CA HIS A 191 9.22 6.21 13.54
C HIS A 191 10.52 6.37 14.33
N HIS A 192 10.48 6.09 15.64
CA HIS A 192 11.71 6.18 16.44
C HIS A 192 12.71 5.11 16.01
N LEU A 193 12.21 3.91 15.67
CA LEU A 193 13.07 2.81 15.19
C LEU A 193 13.81 3.21 13.91
N LYS A 194 13.09 3.82 12.97
CA LYS A 194 13.71 4.30 11.71
C LYS A 194 14.91 5.20 12.02
N GLY A 195 14.71 6.15 12.95
CA GLY A 195 15.80 7.03 13.35
C GLY A 195 16.99 6.31 14.01
N VAL A 196 16.68 5.33 14.85
CA VAL A 196 17.70 4.54 15.55
C VAL A 196 18.57 3.79 14.52
N ILE A 197 17.89 3.18 13.56
CA ILE A 197 18.55 2.41 12.49
C ILE A 197 19.37 3.33 11.59
N LYS A 198 18.82 4.49 11.22
CA LYS A 198 19.54 5.42 10.36
C LYS A 198 20.85 5.88 11.00
N ALA A 199 20.80 6.20 12.30
CA ALA A 199 21.98 6.71 13.01
C ALA A 199 23.04 5.63 13.18
N LYS A 200 22.60 4.40 13.41
CA LYS A 200 23.52 3.30 13.74
C LYS A 200 24.13 2.64 12.52
N TYR A 201 23.29 2.46 11.51
CA TYR A 201 23.65 1.69 10.33
C TYR A 201 23.76 2.47 9.04
N GLY A 202 23.26 3.72 9.02
CA GLY A 202 23.46 4.62 7.88
C GLY A 202 22.22 5.11 7.16
N LYS A 203 22.42 6.17 6.38
CA LYS A 203 21.36 6.76 5.57
C LYS A 203 20.79 5.81 4.57
N ASP A 204 21.55 4.79 4.17
CA ASP A 204 21.07 3.82 3.18
C ASP A 204 20.39 2.57 3.80
N ALA A 205 20.08 2.58 5.11
CA ALA A 205 19.63 1.41 5.84
C ALA A 205 18.14 1.39 6.15
N THR A 206 17.39 2.34 5.64
CA THR A 206 15.97 2.52 6.01
C THR A 206 14.96 2.25 4.92
N ASN A 207 15.35 1.74 3.75
CA ASN A 207 14.35 1.25 2.83
C ASN A 207 13.63 -0.01 3.37
N VAL A 208 12.44 -0.28 2.86
CA VAL A 208 11.55 -1.26 3.52
C VAL A 208 11.30 -2.50 2.68
N GLY A 209 10.98 -3.58 3.38
CA GLY A 209 10.62 -4.85 2.74
C GLY A 209 9.17 -4.96 2.32
N ASP A 210 8.79 -6.16 1.91
CA ASP A 210 7.45 -6.43 1.41
C ASP A 210 6.33 -6.05 2.40
N GLU A 211 6.61 -6.12 3.70
CA GLU A 211 5.58 -5.89 4.74
C GLU A 211 5.80 -4.56 5.45
N GLY A 212 6.75 -3.76 4.95
CA GLY A 212 6.95 -2.39 5.48
C GLY A 212 7.98 -2.23 6.56
N GLY A 213 8.68 -3.32 6.90
CA GLY A 213 9.72 -3.26 7.92
C GLY A 213 11.11 -3.04 7.38
N PHE A 214 12.06 -2.92 8.32
CA PHE A 214 13.46 -2.61 8.01
C PHE A 214 14.35 -3.87 8.06
N ALA A 215 15.40 -3.86 7.25
CA ALA A 215 16.38 -4.97 7.20
C ALA A 215 17.80 -4.44 7.38
N PRO A 216 18.13 -3.93 8.59
CA PRO A 216 19.51 -3.49 8.83
C PRO A 216 20.50 -4.65 8.70
N ASN A 217 21.70 -4.34 8.28
CA ASN A 217 22.72 -5.36 8.03
C ASN A 217 23.39 -5.77 9.35
N ILE A 218 22.70 -6.67 10.06
CA ILE A 218 23.15 -7.23 11.32
C ILE A 218 23.10 -8.76 11.26
N LEU A 219 23.81 -9.40 12.18
CA LEU A 219 23.85 -10.86 12.30
C LEU A 219 23.12 -11.34 13.55
N GLU A 220 23.38 -10.68 14.68
CA GLU A 220 22.92 -11.18 15.99
C GLU A 220 21.42 -10.93 16.21
N ASN A 221 20.68 -11.99 16.52
CA ASN A 221 19.28 -11.86 16.85
C ASN A 221 19.07 -11.05 18.13
N ASN A 222 20.05 -11.10 19.03
CA ASN A 222 20.03 -10.24 20.21
C ASN A 222 20.09 -8.76 19.85
N GLU A 223 20.82 -8.43 18.77
CA GLU A 223 20.91 -7.02 18.34
C GLU A 223 19.58 -6.52 17.77
N ALA A 224 18.84 -7.40 17.10
CA ALA A 224 17.48 -7.06 16.64
C ALA A 224 16.60 -6.72 17.83
N LEU A 225 16.67 -7.57 18.85
CA LEU A 225 15.87 -7.35 20.06
C LEU A 225 16.27 -6.02 20.79
N GLU A 226 17.58 -5.75 20.87
CA GLU A 226 18.08 -4.54 21.48
C GLU A 226 17.64 -3.29 20.70
N LEU A 227 17.65 -3.36 19.37
CA LEU A 227 17.07 -2.28 18.58
C LEU A 227 15.62 -1.98 18.93
N LEU A 228 14.79 -3.02 19.10
CA LEU A 228 13.41 -2.80 19.50
C LEU A 228 13.34 -2.14 20.88
N LYS A 229 14.15 -2.62 21.80
CA LYS A 229 14.22 -2.06 23.16
C LYS A 229 14.56 -0.57 23.14
N THR A 230 15.55 -0.19 22.33
CA THR A 230 15.96 1.20 22.18
C THR A 230 14.83 2.07 21.64
N ALA A 231 14.14 1.59 20.59
CA ALA A 231 13.04 2.35 19.98
C ALA A 231 11.85 2.50 20.93
N ILE A 232 11.54 1.43 21.64
CA ILE A 232 10.44 1.44 22.59
C ILE A 232 10.72 2.46 23.72
N GLN A 233 11.95 2.49 24.20
CA GLN A 233 12.34 3.43 25.27
C GLN A 233 12.33 4.87 24.77
N ALA A 234 12.82 5.10 23.54
CA ALA A 234 12.81 6.44 22.94
C ALA A 234 11.38 6.99 22.74
N ALA A 235 10.44 6.13 22.40
CA ALA A 235 9.04 6.49 22.27
C ALA A 235 8.31 6.67 23.62
N GLY A 236 8.89 6.15 24.69
CA GLY A 236 8.32 6.25 26.05
C GLY A 236 7.28 5.21 26.44
N TYR A 237 7.33 4.01 25.85
CA TYR A 237 6.35 2.95 26.12
C TYR A 237 6.94 1.58 26.61
N PRO A 238 8.00 1.58 27.43
CA PRO A 238 8.54 0.28 27.84
C PRO A 238 7.56 -0.56 28.68
N ASP A 239 6.58 0.11 29.29
CA ASP A 239 5.60 -0.55 30.13
C ASP A 239 4.38 -1.03 29.33
N LYS A 240 4.30 -0.72 28.02
CA LYS A 240 3.09 -1.03 27.24
C LYS A 240 3.29 -1.83 25.96
N VAL A 241 4.55 -2.07 25.58
CA VAL A 241 4.84 -2.79 24.33
C VAL A 241 5.61 -4.08 24.72
N VAL A 242 5.23 -5.18 24.08
CA VAL A 242 5.94 -6.43 24.17
C VAL A 242 6.35 -6.90 22.78
N ILE A 243 7.10 -7.99 22.72
CA ILE A 243 7.75 -8.44 21.49
C ILE A 243 7.28 -9.83 21.09
N GLY A 244 6.97 -9.98 19.82
CA GLY A 244 6.72 -11.27 19.20
C GLY A 244 7.79 -11.57 18.15
N MET A 245 8.01 -12.86 17.87
CA MET A 245 9.01 -13.28 16.85
C MET A 245 8.41 -14.32 15.95
N ASP A 246 8.85 -14.31 14.69
CA ASP A 246 8.67 -15.46 13.78
C ASP A 246 10.07 -15.89 13.34
N VAL A 247 10.50 -17.02 13.86
CA VAL A 247 11.83 -17.57 13.57
C VAL A 247 11.91 -18.15 12.13
N ALA A 248 10.83 -18.80 11.69
CA ALA A 248 10.78 -19.57 10.44
C ALA A 248 11.97 -20.52 10.36
N ALA A 249 12.11 -21.35 11.40
CA ALA A 249 13.28 -22.19 11.56
C ALA A 249 13.48 -23.25 10.46
N SER A 250 12.42 -23.61 9.73
CA SER A 250 12.54 -24.57 8.61
C SER A 250 13.56 -24.03 7.58
N GLU A 251 13.69 -22.71 7.50
CA GLU A 251 14.62 -22.08 6.52
C GLU A 251 16.09 -22.31 6.79
N PHE A 252 16.45 -22.67 8.03
CA PHE A 252 17.82 -22.87 8.41
C PHE A 252 18.09 -24.21 9.08
N TYR A 253 17.16 -25.15 8.90
CA TYR A 253 17.38 -26.53 9.34
C TYR A 253 18.32 -27.27 8.40
N ARG A 254 19.39 -27.84 8.93
CA ARG A 254 20.42 -28.52 8.15
C ARG A 254 20.81 -29.85 8.78
N ASN A 255 20.45 -30.95 8.14
CA ASN A 255 20.85 -32.30 8.57
C ASN A 255 20.70 -32.47 10.09
N GLY A 256 19.52 -32.10 10.58
CA GLY A 256 19.15 -32.30 11.97
C GLY A 256 19.62 -31.25 12.95
N LYS A 257 20.30 -30.22 12.46
CA LYS A 257 20.76 -29.09 13.29
C LYS A 257 20.29 -27.76 12.67
N TYR A 258 20.63 -26.66 13.33
CA TYR A 258 20.13 -25.33 12.95
C TYR A 258 21.33 -24.39 12.72
N ASP A 259 21.29 -23.63 11.63
CA ASP A 259 22.39 -22.71 11.23
C ASP A 259 21.94 -21.25 11.35
N LEU A 260 22.34 -20.60 12.45
CA LEU A 260 22.00 -19.19 12.64
C LEU A 260 22.90 -18.22 11.86
N ASP A 261 23.68 -18.70 10.90
CA ASP A 261 24.42 -17.80 9.98
C ASP A 261 24.33 -18.39 8.59
N PHE A 262 23.12 -18.85 8.25
CA PHE A 262 22.90 -19.67 7.03
C PHE A 262 23.04 -18.89 5.72
N LYS A 263 22.99 -17.56 5.77
CA LYS A 263 23.30 -16.76 4.57
C LYS A 263 24.80 -16.44 4.36
N SER A 264 25.67 -16.87 5.28
CA SER A 264 27.12 -16.77 5.09
C SER A 264 27.66 -18.09 4.48
N PRO A 265 28.87 -18.09 3.93
CA PRO A 265 29.37 -19.31 3.32
C PRO A 265 29.37 -20.51 4.27
N ASP A 266 28.99 -21.66 3.73
CA ASP A 266 28.76 -22.89 4.49
C ASP A 266 29.88 -23.22 5.46
N ASP A 267 29.48 -23.60 6.67
CA ASP A 267 30.39 -24.09 7.68
C ASP A 267 29.60 -24.87 8.73
N PRO A 268 29.49 -26.21 8.56
CA PRO A 268 28.69 -27.00 9.50
C PRO A 268 29.15 -26.95 10.96
N ALA A 269 30.41 -26.56 11.22
CA ALA A 269 30.91 -26.48 12.61
C ALA A 269 30.15 -25.46 13.49
N ARG A 270 29.51 -24.47 12.87
CA ARG A 270 28.73 -23.45 13.60
C ARG A 270 27.26 -23.84 13.90
N HIS A 271 26.80 -24.95 13.32
CA HIS A 271 25.42 -25.37 13.47
C HIS A 271 25.21 -25.84 14.92
N ILE A 272 23.98 -25.64 15.42
CA ILE A 272 23.65 -25.92 16.81
C ILE A 272 22.46 -26.89 16.93
N THR A 273 22.41 -27.63 18.03
CA THR A 273 21.30 -28.56 18.23
C THR A 273 20.00 -27.81 18.53
N GLY A 274 18.89 -28.51 18.31
CA GLY A 274 17.56 -28.02 18.71
C GLY A 274 17.51 -27.66 20.20
N GLU A 275 18.20 -28.43 21.04
CA GLU A 275 18.26 -28.16 22.49
C GLU A 275 18.96 -26.81 22.74
N LYS A 276 20.10 -26.59 22.07
CA LYS A 276 20.82 -25.32 22.17
C LYS A 276 20.00 -24.14 21.67
N LEU A 277 19.31 -24.33 20.55
CA LEU A 277 18.40 -23.30 20.00
C LEU A 277 17.28 -22.94 21.00
N GLY A 278 16.71 -23.96 21.65
CA GLY A 278 15.76 -23.78 22.74
C GLY A 278 16.29 -22.96 23.92
N GLU A 279 17.54 -23.20 24.28
CA GLU A 279 18.15 -22.44 25.34
C GLU A 279 18.30 -20.96 24.98
N LEU A 280 18.62 -20.69 23.70
CA LEU A 280 18.68 -19.33 23.21
C LEU A 280 17.32 -18.65 23.34
N TYR A 281 16.24 -19.34 22.96
CA TYR A 281 14.92 -18.74 23.11
C TYR A 281 14.63 -18.43 24.58
N LYS A 282 15.00 -19.34 25.47
CA LYS A 282 14.79 -19.09 26.92
C LYS A 282 15.55 -17.84 27.36
N SER A 283 16.73 -17.59 26.77
CA SER A 283 17.43 -16.36 27.09
C SER A 283 16.70 -15.10 26.59
N PHE A 284 16.11 -15.17 25.39
CA PHE A 284 15.34 -14.06 24.84
C PHE A 284 14.17 -13.74 25.78
N ILE A 285 13.49 -14.79 26.25
CA ILE A 285 12.33 -14.67 27.13
C ILE A 285 12.72 -14.10 28.50
N LYS A 286 13.91 -14.44 29.01
CA LYS A 286 14.36 -13.98 30.32
C LYS A 286 14.86 -12.52 30.27
N ASN A 287 15.44 -12.13 29.14
CA ASN A 287 16.13 -10.84 29.07
C ASN A 287 15.44 -9.71 28.31
N TYR A 288 14.37 -10.04 27.59
CA TYR A 288 13.55 -9.12 26.83
C TYR A 288 12.09 -9.49 27.06
N PRO A 289 11.13 -8.58 26.78
CA PRO A 289 9.71 -8.89 26.90
C PRO A 289 9.14 -9.66 25.68
N VAL A 290 9.76 -10.81 25.38
CA VAL A 290 9.31 -11.72 24.36
C VAL A 290 8.19 -12.60 24.89
N VAL A 291 7.02 -12.46 24.26
CA VAL A 291 5.79 -13.16 24.69
C VAL A 291 5.24 -14.18 23.69
N SER A 292 5.82 -14.24 22.50
CA SER A 292 5.29 -15.10 21.42
C SER A 292 6.37 -15.45 20.43
N ILE A 293 6.51 -16.75 20.11
CA ILE A 293 7.50 -17.20 19.11
C ILE A 293 6.83 -18.14 18.10
N GLU A 294 6.93 -17.80 16.82
CA GLU A 294 6.30 -18.55 15.73
C GLU A 294 7.38 -19.40 15.03
N ASP A 295 7.03 -20.63 14.67
CA ASP A 295 7.94 -21.59 14.05
C ASP A 295 9.33 -21.63 14.67
N PRO A 296 9.41 -21.92 15.99
CA PRO A 296 10.73 -22.03 16.58
C PRO A 296 11.62 -23.16 16.07
N PHE A 297 11.03 -24.20 15.49
CA PHE A 297 11.75 -25.38 15.02
C PHE A 297 11.20 -25.77 13.66
N ASP A 298 11.90 -26.68 13.01
CA ASP A 298 11.52 -27.17 11.67
C ASP A 298 10.12 -27.75 11.65
N GLN A 299 9.48 -27.62 10.50
CA GLN A 299 8.12 -28.11 10.30
C GLN A 299 7.90 -29.60 10.53
N ASP A 300 8.95 -30.42 10.55
CA ASP A 300 8.82 -31.87 10.82
C ASP A 300 9.54 -32.32 12.10
N ASP A 301 10.06 -31.36 12.87
CA ASP A 301 10.85 -31.64 14.11
C ASP A 301 9.90 -31.68 15.33
N TRP A 302 8.90 -32.55 15.25
CA TRP A 302 7.78 -32.60 16.21
C TRP A 302 8.22 -32.78 17.65
N ALA A 303 9.14 -33.71 17.92
CA ALA A 303 9.53 -34.00 19.29
C ALA A 303 10.14 -32.76 19.97
N THR A 304 10.89 -31.97 19.19
CA THR A 304 11.54 -30.81 19.73
C THR A 304 10.52 -29.71 20.08
N TRP A 305 9.51 -29.48 19.24
CA TRP A 305 8.41 -28.56 19.54
C TRP A 305 7.72 -28.97 20.86
N THR A 306 7.34 -30.24 20.96
CA THR A 306 6.61 -30.76 22.15
C THR A 306 7.38 -30.53 23.43
N SER A 307 8.67 -30.87 23.39
CA SER A 307 9.54 -30.74 24.55
C SER A 307 9.72 -29.29 24.96
N PHE A 308 9.95 -28.43 23.97
CA PHE A 308 10.12 -27.02 24.23
C PHE A 308 8.86 -26.40 24.82
N LEU A 309 7.70 -26.63 24.20
CA LEU A 309 6.47 -25.99 24.71
C LEU A 309 6.20 -26.34 26.17
N SER A 310 6.45 -27.58 26.57
CA SER A 310 6.13 -28.03 27.95
C SER A 310 6.93 -27.30 29.02
N GLY A 311 8.06 -26.68 28.64
CA GLY A 311 8.87 -25.95 29.59
C GLY A 311 8.84 -24.44 29.50
N VAL A 312 7.93 -23.88 28.69
CA VAL A 312 7.78 -22.42 28.56
C VAL A 312 6.32 -22.01 28.76
N ASN A 313 6.13 -20.78 29.24
CA ASN A 313 4.79 -20.27 29.57
C ASN A 313 4.29 -19.20 28.62
N ILE A 314 5.00 -19.01 27.50
CA ILE A 314 4.64 -18.05 26.47
C ILE A 314 3.81 -18.67 25.33
N GLN A 315 3.41 -17.84 24.38
CA GLN A 315 2.70 -18.30 23.20
C GLN A 315 3.70 -18.88 22.17
N ILE A 316 3.34 -20.05 21.63
CA ILE A 316 4.13 -20.72 20.59
C ILE A 316 3.22 -20.97 19.40
N VAL A 317 3.54 -20.35 18.26
CA VAL A 317 2.64 -20.28 17.10
C VAL A 317 3.09 -21.24 15.98
N GLY A 318 2.18 -22.08 15.49
CA GLY A 318 2.39 -22.85 14.25
C GLY A 318 2.09 -22.05 13.00
N ASP A 319 3.02 -22.06 12.05
CA ASP A 319 2.77 -21.47 10.72
C ASP A 319 3.15 -22.53 9.68
N ASP A 320 4.43 -22.68 9.37
CA ASP A 320 4.85 -23.83 8.50
C ASP A 320 4.52 -25.21 9.12
N LEU A 321 4.40 -25.29 10.43
CA LEU A 321 4.01 -26.54 11.10
C LEU A 321 2.62 -26.98 10.70
N THR A 322 1.71 -26.01 10.69
CA THR A 322 0.28 -26.30 10.63
C THR A 322 -0.39 -25.98 9.29
N VAL A 323 0.08 -24.93 8.61
CA VAL A 323 -0.34 -24.57 7.26
C VAL A 323 -1.88 -24.43 7.09
N THR A 324 -2.55 -23.92 8.13
CA THR A 324 -4.03 -23.83 8.18
C THR A 324 -4.69 -25.12 7.63
N ASN A 325 -4.09 -26.28 7.94
CA ASN A 325 -4.53 -27.57 7.43
C ASN A 325 -5.11 -28.43 8.57
N PRO A 326 -6.37 -28.86 8.46
CA PRO A 326 -6.97 -29.58 9.60
C PRO A 326 -6.19 -30.83 10.07
N LYS A 327 -5.63 -31.62 9.17
CA LYS A 327 -4.92 -32.85 9.55
C LYS A 327 -3.61 -32.51 10.28
N ARG A 328 -2.91 -31.49 9.80
CA ARG A 328 -1.67 -31.04 10.43
C ARG A 328 -1.98 -30.44 11.80
N ILE A 329 -3.06 -29.64 11.87
CA ILE A 329 -3.48 -29.02 13.13
C ILE A 329 -3.85 -30.11 14.18
N ALA A 330 -4.58 -31.14 13.77
CA ALA A 330 -4.95 -32.25 14.67
C ALA A 330 -3.73 -32.94 15.27
N GLN A 331 -2.70 -33.16 14.43
CA GLN A 331 -1.42 -33.72 14.91
C GLN A 331 -0.80 -32.78 15.96
N ALA A 332 -0.72 -31.48 15.66
CA ALA A 332 -0.16 -30.49 16.59
C ALA A 332 -0.95 -30.41 17.92
N VAL A 333 -2.28 -30.54 17.86
CA VAL A 333 -3.13 -30.63 19.07
C VAL A 333 -2.83 -31.87 19.93
N GLU A 334 -2.83 -33.03 19.31
CA GLU A 334 -2.57 -34.30 20.00
C GLU A 334 -1.19 -34.36 20.63
N LYS A 335 -0.21 -33.85 19.91
CA LYS A 335 1.20 -33.88 20.36
C LYS A 335 1.60 -32.71 21.29
N LYS A 336 0.68 -31.77 21.48
CA LYS A 336 0.97 -30.50 22.17
C LYS A 336 2.28 -29.87 21.64
N ALA A 337 2.36 -29.73 20.33
CA ALA A 337 3.51 -29.11 19.65
C ALA A 337 3.55 -27.59 19.81
N CYS A 338 2.38 -26.97 19.73
CA CYS A 338 2.20 -25.52 19.86
C CYS A 338 0.87 -25.15 20.58
N ASN A 339 0.65 -23.86 20.83
CA ASN A 339 -0.58 -23.45 21.51
C ASN A 339 -1.29 -22.26 20.84
N CYS A 340 -0.90 -21.92 19.60
CA CYS A 340 -1.58 -20.86 18.81
C CYS A 340 -1.45 -21.21 17.33
N LEU A 341 -2.55 -21.03 16.60
CA LEU A 341 -2.66 -21.26 15.17
C LEU A 341 -2.47 -19.95 14.42
N LEU A 342 -1.55 -19.90 13.45
CA LEU A 342 -1.56 -18.78 12.50
C LEU A 342 -2.64 -19.07 11.45
N LEU A 343 -3.54 -18.10 11.20
CA LEU A 343 -4.65 -18.35 10.31
C LEU A 343 -4.47 -17.59 9.00
N LYS A 344 -4.17 -18.34 7.93
CA LYS A 344 -4.07 -17.78 6.56
C LYS A 344 -5.24 -18.31 5.76
N VAL A 345 -6.27 -17.48 5.58
CA VAL A 345 -7.50 -17.92 4.91
C VAL A 345 -7.23 -18.52 3.52
N ASN A 346 -6.28 -17.95 2.78
CA ASN A 346 -6.00 -18.47 1.46
C ASN A 346 -5.24 -19.81 1.41
N GLN A 347 -4.69 -20.25 2.53
CA GLN A 347 -4.07 -21.60 2.61
C GLN A 347 -5.09 -22.72 2.65
N ILE A 348 -6.28 -22.40 3.12
CA ILE A 348 -7.34 -23.43 3.19
C ILE A 348 -8.38 -23.18 2.09
N GLY A 349 -8.71 -21.92 1.82
CA GLY A 349 -9.38 -21.58 0.55
C GLY A 349 -10.85 -21.26 0.56
N SER A 350 -11.46 -21.22 1.74
CA SER A 350 -12.87 -20.78 1.88
C SER A 350 -13.06 -20.09 3.23
N VAL A 351 -14.06 -19.22 3.31
CA VAL A 351 -14.36 -18.57 4.58
C VAL A 351 -14.84 -19.63 5.61
N THR A 352 -15.73 -20.53 5.21
CA THR A 352 -16.27 -21.55 6.13
C THR A 352 -15.18 -22.39 6.79
N GLU A 353 -14.25 -22.89 5.99
CA GLU A 353 -13.18 -23.73 6.51
C GLU A 353 -12.23 -22.96 7.41
N SER A 354 -12.03 -21.65 7.15
CA SER A 354 -11.20 -20.77 7.98
C SER A 354 -11.82 -20.61 9.35
N ILE A 355 -13.13 -20.38 9.35
CA ILE A 355 -13.88 -20.25 10.62
C ILE A 355 -13.83 -21.56 11.39
N GLN A 356 -14.06 -22.70 10.71
CA GLN A 356 -14.02 -24.04 11.37
C GLN A 356 -12.64 -24.30 11.96
N ALA A 357 -11.56 -23.93 11.25
CA ALA A 357 -10.21 -24.13 11.76
C ALA A 357 -9.98 -23.30 13.02
N CYS A 358 -10.43 -22.05 13.02
CA CYS A 358 -10.30 -21.18 14.18
C CYS A 358 -11.04 -21.78 15.40
N LYS A 359 -12.28 -22.17 15.18
CA LYS A 359 -13.11 -22.73 16.28
C LYS A 359 -12.51 -24.01 16.84
N LEU A 360 -11.97 -24.87 15.98
CA LEU A 360 -11.41 -26.13 16.47
C LEU A 360 -10.18 -25.82 17.34
N ALA A 361 -9.30 -24.94 16.87
CA ALA A 361 -8.17 -24.45 17.67
C ALA A 361 -8.62 -23.90 19.02
N GLN A 362 -9.56 -22.95 19.01
CA GLN A 362 -10.01 -22.33 20.28
C GLN A 362 -10.65 -23.36 21.22
N SER A 363 -11.35 -24.37 20.66
CA SER A 363 -11.99 -25.41 21.48
C SER A 363 -10.97 -26.32 22.21
N ASN A 364 -9.76 -26.33 21.67
CA ASN A 364 -8.61 -27.02 22.27
C ASN A 364 -7.72 -26.14 23.15
N GLY A 365 -8.19 -24.93 23.46
CA GLY A 365 -7.46 -24.04 24.36
C GLY A 365 -6.34 -23.24 23.68
N TRP A 366 -6.25 -23.33 22.34
CA TRP A 366 -5.25 -22.58 21.59
C TRP A 366 -5.68 -21.14 21.38
N GLY A 367 -4.72 -20.24 21.22
CA GLY A 367 -4.97 -18.94 20.62
C GLY A 367 -4.98 -19.05 19.09
N VAL A 368 -5.39 -17.96 18.45
CA VAL A 368 -5.38 -17.82 16.99
C VAL A 368 -4.89 -16.43 16.61
N MET A 369 -3.90 -16.33 15.73
CA MET A 369 -3.45 -15.04 15.21
C MET A 369 -3.74 -14.97 13.73
N VAL A 370 -4.66 -14.10 13.35
CA VAL A 370 -5.00 -13.92 11.93
C VAL A 370 -3.80 -13.28 11.23
N SER A 371 -3.51 -13.72 9.99
CA SER A 371 -2.31 -13.25 9.29
C SER A 371 -2.56 -12.77 7.86
N HIS A 372 -1.82 -11.72 7.48
CA HIS A 372 -1.67 -11.33 6.08
C HIS A 372 -0.82 -12.34 5.31
N ARG A 373 -0.64 -12.08 4.03
CA ARG A 373 0.42 -12.75 3.21
C ARG A 373 1.45 -11.70 2.71
N SER A 374 2.59 -12.15 2.20
CA SER A 374 3.58 -11.16 1.66
C SER A 374 3.03 -10.37 0.52
N GLY A 375 2.25 -11.00 -0.36
CA GLY A 375 1.57 -10.31 -1.42
C GLY A 375 0.15 -10.01 -0.98
N GLU A 376 -0.11 -8.75 -0.67
CA GLU A 376 -1.42 -8.33 -0.17
C GLU A 376 -2.08 -7.40 -1.18
N THR A 377 -3.31 -7.00 -0.89
CA THR A 377 -4.01 -6.02 -1.71
C THR A 377 -4.67 -4.98 -0.82
N GLU A 378 -5.43 -4.10 -1.47
CA GLU A 378 -6.21 -3.03 -0.81
C GLU A 378 -7.46 -3.60 -0.04
N ASP A 379 -7.73 -4.89 -0.16
CA ASP A 379 -8.79 -5.60 0.58
C ASP A 379 -8.58 -5.57 2.09
N THR A 380 -9.64 -5.32 2.85
CA THR A 380 -9.57 -5.28 4.30
C THR A 380 -10.38 -6.40 5.00
N PHE A 381 -10.74 -7.46 4.27
CA PHE A 381 -11.57 -8.52 4.86
C PHE A 381 -11.00 -9.04 6.19
N ILE A 382 -9.68 -9.25 6.27
CA ILE A 382 -9.15 -9.87 7.44
C ILE A 382 -9.25 -9.02 8.72
N ALA A 383 -9.48 -7.73 8.57
CA ALA A 383 -9.80 -6.88 9.71
C ALA A 383 -11.12 -7.28 10.34
N ASP A 384 -12.16 -7.30 9.51
CA ASP A 384 -13.48 -7.76 10.00
C ASP A 384 -13.43 -9.21 10.52
N LEU A 385 -12.67 -10.04 9.82
CA LEU A 385 -12.51 -11.44 10.21
C LEU A 385 -11.98 -11.61 11.64
N VAL A 386 -10.88 -10.93 11.98
CA VAL A 386 -10.27 -11.12 13.33
C VAL A 386 -11.19 -10.61 14.45
N VAL A 387 -11.94 -9.53 14.18
CA VAL A 387 -12.91 -8.99 15.15
C VAL A 387 -14.07 -9.97 15.37
N GLY A 388 -14.66 -10.51 14.29
CA GLY A 388 -15.74 -11.49 14.42
C GLY A 388 -15.31 -12.82 15.05
N LEU A 389 -14.06 -13.22 14.82
CA LEU A 389 -13.55 -14.48 15.37
C LEU A 389 -13.10 -14.26 16.84
N CYS A 390 -13.05 -13.01 17.29
CA CYS A 390 -12.72 -12.67 18.69
C CYS A 390 -11.38 -13.24 19.12
N THR A 391 -10.41 -13.28 18.20
CA THR A 391 -9.14 -13.96 18.55
C THR A 391 -8.21 -13.11 19.43
N GLY A 392 -8.34 -11.80 19.35
CA GLY A 392 -7.54 -10.90 20.12
C GLY A 392 -6.17 -10.53 19.51
N GLN A 393 -5.83 -11.05 18.33
CA GLN A 393 -4.47 -10.82 17.78
C GLN A 393 -4.41 -10.98 16.26
N ILE A 394 -3.74 -10.02 15.62
CA ILE A 394 -3.57 -10.02 14.14
C ILE A 394 -2.18 -9.49 13.82
N LYS A 395 -1.53 -10.14 12.87
CA LYS A 395 -0.33 -9.59 12.25
C LYS A 395 -0.64 -9.28 10.79
N THR A 396 -0.53 -7.99 10.44
CA THR A 396 -0.77 -7.58 9.06
C THR A 396 0.13 -6.45 8.56
N GLY A 397 1.37 -6.44 9.02
CA GLY A 397 2.38 -5.50 8.52
C GLY A 397 2.94 -4.56 9.54
N ALA A 398 4.11 -3.96 9.23
CA ALA A 398 4.53 -2.73 9.86
C ALA A 398 3.44 -1.70 9.59
N PRO A 399 3.46 -0.57 10.29
CA PRO A 399 2.52 0.53 10.01
C PRO A 399 3.03 1.41 8.84
N CYS A 400 3.23 0.75 7.71
CA CYS A 400 3.82 1.31 6.53
C CYS A 400 3.43 0.45 5.33
N ARG A 401 3.12 1.11 4.23
CA ARG A 401 2.56 0.52 2.98
C ARG A 401 1.05 0.30 3.14
N SER A 402 0.26 0.89 2.25
CA SER A 402 -1.22 0.86 2.44
C SER A 402 -1.95 -0.50 2.32
N GLU A 403 -1.32 -1.52 1.76
CA GLU A 403 -1.90 -2.84 1.83
C GLU A 403 -1.88 -3.37 3.28
N ARG A 404 -1.00 -2.77 4.12
CA ARG A 404 -0.95 -3.02 5.56
C ARG A 404 -1.85 -2.04 6.30
N LEU A 405 -1.65 -0.74 6.09
CA LEU A 405 -2.48 0.26 6.74
C LEU A 405 -3.97 0.16 6.41
N ALA A 406 -4.31 -0.37 5.26
CA ALA A 406 -5.73 -0.54 4.96
C ALA A 406 -6.43 -1.35 6.05
N LYS A 407 -5.82 -2.45 6.48
CA LYS A 407 -6.39 -3.29 7.54
C LYS A 407 -6.41 -2.54 8.87
N TYR A 408 -5.30 -1.89 9.22
CA TYR A 408 -5.22 -1.18 10.52
C TYR A 408 -6.23 -0.03 10.60
N ASN A 409 -6.37 0.72 9.52
CA ASN A 409 -7.38 1.79 9.45
C ASN A 409 -8.80 1.23 9.58
N GLN A 410 -9.07 0.07 8.96
CA GLN A 410 -10.39 -0.54 9.06
C GLN A 410 -10.65 -1.03 10.49
N LEU A 411 -9.65 -1.55 11.19
CA LEU A 411 -9.84 -1.89 12.60
C LEU A 411 -10.15 -0.62 13.45
N MET A 412 -9.52 0.52 13.18
CA MET A 412 -9.90 1.76 13.88
C MET A 412 -11.35 2.19 13.58
N ARG A 413 -11.79 2.00 12.34
CA ARG A 413 -13.18 2.35 11.94
C ARG A 413 -14.18 1.39 12.63
N ILE A 414 -13.83 0.11 12.72
CA ILE A 414 -14.69 -0.84 13.44
C ILE A 414 -14.84 -0.42 14.90
N GLU A 415 -13.73 -0.08 15.53
CA GLU A 415 -13.76 0.39 16.91
C GLU A 415 -14.66 1.62 17.05
N GLU A 416 -14.52 2.56 16.14
CA GLU A 416 -15.34 3.75 16.13
C GLU A 416 -16.83 3.43 16.04
N ALA A 417 -17.19 2.48 15.17
CA ALA A 417 -18.60 2.07 15.01
C ALA A 417 -19.19 1.43 16.27
N LEU A 418 -18.36 0.69 17.01
CA LEU A 418 -18.82 0.00 18.25
C LEU A 418 -18.91 0.98 19.43
N GLY A 419 -18.24 2.12 19.32
CA GLY A 419 -18.32 3.16 20.32
C GLY A 419 -17.84 2.73 21.70
N ASP A 420 -18.52 3.27 22.72
CA ASP A 420 -18.12 3.01 24.11
C ASP A 420 -18.31 1.55 24.60
N LYS A 421 -18.96 0.73 23.78
CA LYS A 421 -19.04 -0.71 24.03
C LYS A 421 -17.84 -1.48 23.47
N ALA A 422 -16.92 -0.82 22.75
CA ALA A 422 -15.83 -1.55 22.11
C ALA A 422 -14.91 -2.17 23.17
N ILE A 423 -14.52 -3.41 22.95
CA ILE A 423 -13.65 -4.14 23.86
C ILE A 423 -12.32 -4.35 23.14
N PHE A 424 -11.25 -3.85 23.72
CA PHE A 424 -9.85 -4.09 23.22
C PHE A 424 -9.20 -5.23 24.00
N ALA A 425 -8.66 -6.21 23.29
CA ALA A 425 -8.04 -7.40 23.94
C ALA A 425 -6.92 -7.07 24.92
N GLY A 426 -6.05 -6.13 24.55
CA GLY A 426 -4.97 -5.70 25.38
C GLY A 426 -4.14 -6.85 25.92
N ARG A 427 -3.96 -6.86 27.23
CA ARG A 427 -3.09 -7.86 27.89
C ARG A 427 -3.65 -9.32 27.84
N LYS A 428 -4.93 -9.45 27.49
CA LYS A 428 -5.59 -10.73 27.26
C LYS A 428 -5.59 -11.17 25.80
N PHE A 429 -4.63 -10.68 25.01
CA PHE A 429 -4.55 -11.01 23.56
C PHE A 429 -4.51 -12.49 23.23
N ARG A 430 -3.86 -13.30 24.08
CA ARG A 430 -3.78 -14.74 23.83
C ARG A 430 -5.12 -15.44 23.88
N ASN A 431 -5.99 -14.99 24.79
CA ASN A 431 -7.32 -15.55 25.02
C ASN A 431 -8.20 -14.50 25.69
N PRO A 432 -8.87 -13.69 24.87
CA PRO A 432 -9.64 -12.55 25.35
C PRO A 432 -10.74 -12.91 26.38
N LYS A 433 -11.17 -14.16 26.39
CA LYS A 433 -12.21 -14.64 27.30
C LYS A 433 -11.67 -15.13 28.63
N ALA A 434 -10.36 -15.12 28.81
CA ALA A 434 -9.79 -15.66 30.04
C ALA A 434 -10.00 -14.74 31.25
N LYS A 435 -9.95 -15.41 32.41
CA LYS A 435 -9.52 -14.82 33.69
C LYS A 435 -10.41 -15.37 34.78
N SER B 1 -31.15 22.00 -2.12
CA SER B 1 -31.11 20.51 -2.13
C SER B 1 -30.79 19.99 -0.72
N MET B 2 -31.52 18.94 -0.31
CA MET B 2 -31.31 18.29 0.99
C MET B 2 -30.57 16.96 0.79
N ALA B 3 -29.80 16.89 -0.28
CA ALA B 3 -29.11 15.68 -0.65
C ALA B 3 -28.14 15.27 0.46
N MET B 4 -27.38 16.24 0.99
CA MET B 4 -26.34 15.95 2.02
C MET B 4 -26.98 15.74 3.38
N GLN B 5 -26.76 14.57 3.94
CA GLN B 5 -27.43 14.19 5.19
C GLN B 5 -26.49 14.23 6.39
N LYS B 6 -25.22 13.88 6.16
CA LYS B 6 -24.23 13.75 7.23
C LYS B 6 -22.81 13.92 6.68
N ILE B 7 -21.97 14.61 7.44
CA ILE B 7 -20.54 14.78 7.15
C ILE B 7 -19.74 14.45 8.42
N PHE B 8 -18.87 13.43 8.32
CA PHE B 8 -18.06 13.02 9.45
C PHE B 8 -16.62 12.81 9.02
N ALA B 9 -15.69 13.38 9.78
CA ALA B 9 -14.25 13.24 9.51
C ALA B 9 -13.53 12.46 10.61
N ARG B 10 -12.47 11.75 10.20
CA ARG B 10 -11.59 11.01 11.14
C ARG B 10 -10.14 11.11 10.72
N GLU B 11 -9.26 10.70 11.63
CA GLU B 11 -7.82 10.56 11.40
C GLU B 11 -7.55 9.07 11.09
N ILE B 12 -6.94 8.80 9.94
CA ILE B 12 -6.40 7.50 9.54
C ILE B 12 -4.88 7.64 9.32
N LEU B 13 -4.20 6.54 9.07
CA LEU B 13 -2.77 6.59 8.80
C LEU B 13 -2.52 6.45 7.30
N ASP B 14 -1.62 7.29 6.80
CA ASP B 14 -1.15 7.20 5.42
C ASP B 14 -0.07 6.12 5.18
N SER B 15 0.43 6.00 3.94
CA SER B 15 1.33 4.92 3.56
C SER B 15 2.71 4.95 4.24
N ARG B 16 3.02 6.05 4.90
CA ARG B 16 4.26 6.25 5.64
C ARG B 16 4.06 6.16 7.13
N GLY B 17 2.86 5.90 7.58
CA GLY B 17 2.56 5.79 9.02
C GLY B 17 2.33 7.12 9.72
N ASN B 18 1.90 8.12 8.96
CA ASN B 18 1.55 9.44 9.47
C ASN B 18 0.05 9.74 9.32
N PRO B 19 -0.53 10.41 10.29
CA PRO B 19 -1.95 10.74 10.23
C PRO B 19 -2.35 11.58 9.02
N THR B 20 -3.54 11.32 8.50
CA THR B 20 -4.16 12.21 7.53
C THR B 20 -5.68 12.18 7.69
N VAL B 21 -6.33 13.10 6.99
CA VAL B 21 -7.78 13.28 7.02
C VAL B 21 -8.54 12.33 6.08
N GLU B 22 -9.58 11.70 6.65
CA GLU B 22 -10.59 10.96 5.92
C GLU B 22 -11.99 11.54 6.23
N VAL B 23 -12.81 11.69 5.18
CA VAL B 23 -14.17 12.24 5.30
C VAL B 23 -15.18 11.28 4.70
N ASP B 24 -16.24 11.05 5.47
CA ASP B 24 -17.42 10.33 5.00
C ASP B 24 -18.55 11.33 4.80
N LEU B 25 -19.11 11.34 3.61
CA LEU B 25 -20.35 12.08 3.32
C LEU B 25 -21.46 11.11 2.95
N HIS B 26 -22.59 11.22 3.65
CA HIS B 26 -23.78 10.37 3.42
C HIS B 26 -24.91 11.16 2.72
N THR B 27 -25.50 10.53 1.70
CA THR B 27 -26.72 10.98 1.04
C THR B 27 -27.67 9.79 0.93
N ALA B 28 -28.84 9.98 0.30
CA ALA B 28 -29.78 8.84 0.09
C ALA B 28 -29.16 7.72 -0.78
N LYS B 29 -28.10 8.03 -1.53
CA LYS B 29 -27.42 7.08 -2.40
C LYS B 29 -26.36 6.25 -1.69
N GLY B 30 -26.00 6.64 -0.48
CA GLY B 30 -25.05 5.84 0.32
C GLY B 30 -23.94 6.64 0.98
N ARG B 31 -22.85 5.97 1.30
CA ARG B 31 -21.72 6.63 1.96
C ARG B 31 -20.57 6.86 0.98
N PHE B 32 -20.05 8.09 0.94
CA PHE B 32 -18.98 8.46 0.03
C PHE B 32 -17.73 8.88 0.82
N ARG B 33 -16.63 8.18 0.61
CA ARG B 33 -15.45 8.29 1.47
C ARG B 33 -14.23 8.72 0.65
N ALA B 34 -13.51 9.70 1.18
CA ALA B 34 -12.27 10.18 0.56
C ALA B 34 -11.21 10.51 1.60
N ALA B 35 -9.97 10.27 1.26
CA ALA B 35 -8.86 10.64 2.12
C ALA B 35 -7.86 11.54 1.39
N VAL B 36 -7.10 12.32 2.18
CA VAL B 36 -6.21 13.35 1.66
C VAL B 36 -4.72 12.89 1.72
N PRO B 37 -3.98 13.06 0.62
CA PRO B 37 -2.57 12.71 0.60
C PRO B 37 -1.74 13.79 1.27
N SER B 38 -0.55 13.42 1.75
N SER B 38 -0.42 13.59 1.30
CA SER B 38 0.19 14.33 2.63
CA SER B 38 0.49 14.53 1.96
C SER B 38 0.58 15.53 1.80
C SER B 38 1.97 14.37 1.55
N GLY B 39 0.79 16.68 2.45
N GLY B 39 2.68 15.49 1.41
CA GLY B 39 1.13 17.91 1.72
CA GLY B 39 4.09 15.43 1.13
C GLY B 39 2.12 18.75 2.45
C GLY B 39 4.90 16.46 1.86
N ALA B 40 1.86 20.05 2.55
N ALA B 40 6.15 16.63 1.45
CA ALA B 40 2.80 21.00 3.20
CA ALA B 40 7.00 17.66 2.03
C ALA B 40 2.10 21.93 4.20
C ALA B 40 6.45 19.05 1.67
N SER B 41 2.59 21.94 5.44
N SER B 41 6.82 20.05 2.47
CA SER B 41 2.02 22.77 6.49
CA SER B 41 6.20 21.37 2.43
C SER B 41 2.67 24.16 6.55
C SER B 41 7.04 22.32 1.58
N THR B 42 3.65 24.39 5.69
N THR B 42 6.48 23.48 1.24
CA THR B 42 4.25 25.70 5.53
CA THR B 42 7.30 24.56 0.65
C THR B 42 4.74 25.85 4.09
C THR B 42 6.62 25.95 0.75
N GLY B 43 4.91 27.09 3.65
N GLY B 43 5.66 26.06 1.65
CA GLY B 43 5.27 27.36 2.26
CA GLY B 43 5.27 27.35 2.24
C GLY B 43 4.53 28.59 1.77
C GLY B 43 4.46 28.36 1.44
N ILE B 44 5.16 29.35 0.89
CA ILE B 44 4.56 30.63 0.45
C ILE B 44 3.52 30.53 -0.66
N TYR B 45 3.62 29.52 -1.51
CA TYR B 45 2.79 29.46 -2.71
C TYR B 45 1.76 28.32 -2.70
N GLU B 46 1.81 27.43 -1.74
CA GLU B 46 0.79 26.39 -1.73
C GLU B 46 -0.21 26.54 -0.60
N ALA B 47 -1.32 25.87 -0.74
CA ALA B 47 -2.34 25.86 0.29
C ALA B 47 -1.75 25.17 1.52
N LEU B 48 -2.09 25.70 2.70
CA LEU B 48 -1.49 25.25 3.98
C LEU B 48 -2.22 24.02 4.55
N GLU B 49 -1.47 22.94 4.71
CA GLU B 49 -1.90 21.76 5.41
C GLU B 49 -1.91 22.12 6.91
N LEU B 50 -2.96 21.78 7.64
CA LEU B 50 -2.99 22.02 9.10
C LEU B 50 -2.55 20.75 9.85
N ARG B 51 -1.43 20.86 10.58
CA ARG B 51 -0.90 19.77 11.43
C ARG B 51 -0.98 20.26 12.86
N ASP B 52 -1.14 19.33 13.80
CA ASP B 52 -1.35 19.69 15.21
C ASP B 52 -0.12 20.28 15.91
N GLY B 53 1.08 19.83 15.55
CA GLY B 53 2.30 20.31 16.21
C GLY B 53 2.54 19.84 17.64
N ASP B 54 1.81 18.81 18.08
CA ASP B 54 2.05 18.24 19.41
C ASP B 54 3.20 17.24 19.29
N LYS B 55 4.37 17.62 19.78
CA LYS B 55 5.53 16.78 19.62
C LYS B 55 5.45 15.45 20.33
N GLY B 56 4.59 15.34 21.33
CA GLY B 56 4.38 14.06 22.01
C GLY B 56 3.34 13.15 21.36
N ARG B 57 2.70 13.61 20.28
CA ARG B 57 1.69 12.78 19.61
C ARG B 57 1.99 12.71 18.13
N TYR B 58 2.27 11.51 17.64
CA TYR B 58 2.62 11.29 16.23
C TYR B 58 3.74 12.24 15.76
N LEU B 59 4.69 12.51 16.65
CA LEU B 59 5.87 13.37 16.33
C LEU B 59 5.46 14.72 15.70
N GLY B 60 4.34 15.25 16.17
CA GLY B 60 3.80 16.55 15.73
C GLY B 60 2.91 16.53 14.51
N LYS B 61 2.66 15.34 13.95
CA LYS B 61 1.97 15.22 12.70
C LYS B 61 0.48 14.86 12.82
N GLY B 62 -0.11 14.94 14.01
CA GLY B 62 -1.55 14.68 14.15
C GLY B 62 -2.38 15.64 13.29
N VAL B 63 -3.58 15.21 12.90
CA VAL B 63 -4.53 16.11 12.22
C VAL B 63 -5.86 16.22 12.96
N LEU B 64 -5.82 16.16 14.29
CA LEU B 64 -7.02 16.35 15.12
C LEU B 64 -7.68 17.71 14.87
N LYS B 65 -6.87 18.76 14.73
CA LYS B 65 -7.42 20.12 14.51
C LYS B 65 -8.20 20.24 13.21
N ALA B 66 -7.61 19.76 12.11
CA ALA B 66 -8.28 19.74 10.81
C ALA B 66 -9.56 18.90 10.87
N VAL B 67 -9.48 17.71 11.44
CA VAL B 67 -10.65 16.85 11.64
C VAL B 67 -11.75 17.56 12.46
N GLU B 68 -11.37 18.23 13.54
CA GLU B 68 -12.31 18.98 14.37
C GLU B 68 -12.93 20.14 13.60
N ASN B 69 -12.14 20.78 12.74
CA ASN B 69 -12.68 21.86 11.93
C ASN B 69 -13.82 21.39 11.04
N ILE B 70 -13.68 20.21 10.45
CA ILE B 70 -14.79 19.62 9.70
C ILE B 70 -16.00 19.25 10.61
N ASN B 71 -15.74 18.50 11.66
CA ASN B 71 -16.85 18.02 12.51
C ASN B 71 -17.63 19.14 13.23
N SER B 72 -16.90 20.17 13.63
CA SER B 72 -17.48 21.22 14.47
C SER B 72 -18.01 22.42 13.69
N THR B 73 -17.31 22.78 12.60
CA THR B 73 -17.57 24.06 11.92
C THR B 73 -17.90 23.93 10.42
N LEU B 74 -16.92 23.48 9.63
CA LEU B 74 -17.09 23.45 8.17
C LEU B 74 -18.23 22.52 7.72
N GLY B 75 -18.26 21.31 8.27
CA GLY B 75 -19.34 20.34 7.98
C GLY B 75 -20.74 20.85 8.27
N PRO B 76 -20.99 21.27 9.53
CA PRO B 76 -22.31 21.82 9.85
C PRO B 76 -22.72 23.03 8.97
N ALA B 77 -21.78 23.92 8.71
CA ALA B 77 -22.05 25.10 7.90
C ALA B 77 -22.44 24.71 6.47
N LEU B 78 -21.74 23.74 5.89
CA LEU B 78 -22.07 23.26 4.54
C LEU B 78 -23.47 22.59 4.51
N LEU B 79 -23.77 21.75 5.51
CA LEU B 79 -25.05 21.03 5.52
C LEU B 79 -26.22 22.01 5.61
N GLN B 80 -26.02 23.07 6.38
CA GLN B 80 -27.01 24.13 6.59
C GLN B 80 -27.28 24.96 5.33
N LYS B 81 -26.33 24.99 4.40
CA LYS B 81 -26.45 25.80 3.19
C LYS B 81 -27.34 25.09 2.13
N LYS B 82 -27.55 23.78 2.29
CA LYS B 82 -28.45 23.02 1.43
C LYS B 82 -28.11 23.18 -0.07
N LEU B 83 -26.87 22.86 -0.40
CA LEU B 83 -26.39 22.97 -1.76
C LEU B 83 -26.42 21.60 -2.42
N SER B 84 -26.65 21.60 -3.73
CA SER B 84 -26.61 20.37 -4.51
C SER B 84 -25.23 19.72 -4.49
N VAL B 85 -25.23 18.43 -4.22
CA VAL B 85 -24.01 17.66 -4.19
C VAL B 85 -23.37 17.56 -5.61
N ALA B 86 -24.17 17.72 -6.65
CA ALA B 86 -23.64 17.71 -8.04
C ALA B 86 -23.01 19.05 -8.46
N ASP B 87 -23.25 20.12 -7.70
CA ASP B 87 -22.73 21.45 -8.05
C ASP B 87 -21.39 21.70 -7.36
N GLN B 88 -20.38 20.99 -7.83
CA GLN B 88 -19.03 21.06 -7.28
C GLN B 88 -18.50 22.50 -7.13
N GLU B 89 -18.74 23.34 -8.14
CA GLU B 89 -18.22 24.73 -8.11
C GLU B 89 -18.84 25.54 -6.98
N LYS B 90 -20.15 25.44 -6.84
CA LYS B 90 -20.86 26.20 -5.82
C LYS B 90 -20.42 25.73 -4.42
N VAL B 91 -20.29 24.41 -4.26
CA VAL B 91 -19.82 23.85 -2.97
C VAL B 91 -18.39 24.31 -2.67
N ASP B 92 -17.47 24.22 -3.63
CA ASP B 92 -16.08 24.59 -3.34
C ASP B 92 -15.98 26.09 -3.07
N LYS B 93 -16.74 26.88 -3.84
CA LYS B 93 -16.79 28.34 -3.66
C LYS B 93 -17.25 28.70 -2.24
N PHE B 94 -18.32 28.04 -1.79
CA PHE B 94 -18.81 28.24 -0.42
C PHE B 94 -17.70 27.99 0.59
N MET B 95 -17.03 26.83 0.49
CA MET B 95 -16.00 26.50 1.50
C MET B 95 -14.79 27.47 1.47
N ILE B 96 -14.37 27.86 0.27
CA ILE B 96 -13.26 28.81 0.11
C ILE B 96 -13.59 30.17 0.77
N GLU B 97 -14.83 30.63 0.58
CA GLU B 97 -15.27 31.93 1.07
C GLU B 97 -15.47 31.89 2.58
N LEU B 98 -15.91 30.74 3.10
CA LEU B 98 -16.09 30.59 4.54
C LEU B 98 -14.75 30.61 5.28
N ASP B 99 -13.77 29.88 4.72
CA ASP B 99 -12.40 29.96 5.21
C ASP B 99 -11.88 31.41 5.11
N GLY B 100 -12.06 32.05 3.96
CA GLY B 100 -11.71 33.44 3.77
C GLY B 100 -10.26 33.85 3.66
N THR B 101 -9.34 32.90 3.66
CA THR B 101 -7.90 33.21 3.51
C THR B 101 -7.35 32.67 2.18
N GLU B 102 -6.34 33.33 1.65
CA GLU B 102 -5.77 32.96 0.35
C GLU B 102 -5.20 31.55 0.34
N ASN B 103 -4.67 31.08 1.46
CA ASN B 103 -4.00 29.79 1.52
C ASN B 103 -4.75 28.69 2.31
N LYS B 104 -6.06 28.86 2.50
CA LYS B 104 -6.90 27.88 3.24
C LYS B 104 -6.41 27.59 4.66
N SER B 105 -5.84 28.60 5.30
CA SER B 105 -5.25 28.44 6.60
C SER B 105 -6.23 28.63 7.77
N LYS B 106 -7.52 28.91 7.50
CA LYS B 106 -8.46 29.01 8.63
C LYS B 106 -8.87 27.60 9.05
N PHE B 107 -9.29 26.78 8.08
CA PHE B 107 -9.69 25.40 8.36
C PHE B 107 -8.60 24.36 8.06
N GLY B 108 -7.68 24.70 7.17
CA GLY B 108 -6.68 23.78 6.67
C GLY B 108 -7.03 23.34 5.26
N ALA B 109 -6.04 23.39 4.38
CA ALA B 109 -6.21 22.88 3.04
C ALA B 109 -6.61 21.41 3.04
N ASN B 110 -6.11 20.64 4.01
CA ASN B 110 -6.49 19.23 4.16
C ASN B 110 -7.94 19.01 4.59
N ALA B 111 -8.47 19.88 5.44
CA ALA B 111 -9.89 19.85 5.81
C ALA B 111 -10.80 20.15 4.60
N ILE B 112 -10.48 21.21 3.88
CA ILE B 112 -11.31 21.61 2.73
C ILE B 112 -11.28 20.55 1.62
N LEU B 113 -10.09 20.07 1.28
CA LEU B 113 -9.97 19.06 0.20
C LEU B 113 -10.72 17.78 0.54
N GLY B 114 -10.59 17.31 1.78
CA GLY B 114 -11.28 16.08 2.22
C GLY B 114 -12.77 16.17 1.93
N VAL B 115 -13.39 17.30 2.30
CA VAL B 115 -14.81 17.52 2.02
C VAL B 115 -15.08 17.61 0.48
N SER B 116 -14.28 18.41 -0.19
CA SER B 116 -14.38 18.61 -1.66
C SER B 116 -14.37 17.29 -2.41
N LEU B 117 -13.48 16.39 -2.03
CA LEU B 117 -13.37 15.06 -2.64
C LEU B 117 -14.60 14.20 -2.41
N ALA B 118 -15.05 14.11 -1.16
CA ALA B 118 -16.23 13.32 -0.82
C ALA B 118 -17.48 13.85 -1.54
N VAL B 119 -17.64 15.17 -1.60
CA VAL B 119 -18.75 15.78 -2.34
C VAL B 119 -18.73 15.35 -3.83
N CYS B 120 -17.56 15.41 -4.43
CA CYS B 120 -17.41 15.02 -5.83
C CYS B 120 -17.90 13.57 -6.08
N LYS B 121 -17.50 12.64 -5.21
CA LYS B 121 -17.93 11.24 -5.31
C LYS B 121 -19.46 11.11 -5.19
N ALA B 122 -20.03 11.84 -4.24
CA ALA B 122 -21.48 11.86 -4.02
C ALA B 122 -22.26 12.49 -5.18
N GLY B 123 -21.66 13.51 -5.80
CA GLY B 123 -22.23 14.17 -6.97
C GLY B 123 -22.34 13.25 -8.18
N ALA B 124 -21.27 12.49 -8.43
CA ALA B 124 -21.29 11.48 -9.48
C ALA B 124 -22.45 10.51 -9.26
N ALA B 125 -22.61 9.99 -8.04
CA ALA B 125 -23.71 9.06 -7.71
C ALA B 125 -25.10 9.66 -7.86
N GLU B 126 -25.26 10.91 -7.46
CA GLU B 126 -26.53 11.60 -7.67
C GLU B 126 -26.92 11.69 -9.16
N LYS B 127 -25.93 11.95 -10.01
CA LYS B 127 -26.12 12.02 -11.46
C LYS B 127 -26.23 10.61 -12.12
N GLY B 128 -25.93 9.56 -11.36
CA GLY B 128 -25.91 8.19 -11.89
C GLY B 128 -24.85 7.91 -12.97
N VAL B 129 -23.71 8.59 -12.87
CA VAL B 129 -22.61 8.39 -13.83
C VAL B 129 -21.34 8.05 -13.03
N PRO B 130 -20.39 7.33 -13.66
CA PRO B 130 -19.09 7.11 -13.01
C PRO B 130 -18.34 8.40 -12.63
N LEU B 131 -17.53 8.30 -11.57
CA LEU B 131 -16.76 9.45 -11.08
C LEU B 131 -15.97 10.09 -12.24
N TYR B 132 -15.32 9.25 -13.05
CA TYR B 132 -14.53 9.78 -14.19
C TYR B 132 -15.38 10.56 -15.19
N ARG B 133 -16.63 10.15 -15.38
CA ARG B 133 -17.55 10.92 -16.22
C ARG B 133 -17.98 12.23 -15.59
N HIS B 134 -18.25 12.23 -14.27
CA HIS B 134 -18.67 13.46 -13.59
C HIS B 134 -17.54 14.51 -13.68
N ILE B 135 -16.31 14.07 -13.50
CA ILE B 135 -15.12 14.92 -13.62
C ILE B 135 -14.99 15.52 -15.01
N ALA B 136 -15.18 14.70 -16.05
CA ALA B 136 -15.15 15.20 -17.44
C ALA B 136 -16.24 16.27 -17.66
N ASP B 137 -17.43 15.98 -17.13
CA ASP B 137 -18.56 16.93 -17.19
C ASP B 137 -18.17 18.24 -16.56
N LEU B 138 -17.60 18.16 -15.36
CA LEU B 138 -17.16 19.35 -14.62
C LEU B 138 -16.07 20.14 -15.36
N ALA B 139 -15.26 19.43 -16.14
CA ALA B 139 -14.17 20.01 -16.97
C ALA B 139 -14.62 20.42 -18.39
N GLY B 140 -15.88 20.20 -18.73
CA GLY B 140 -16.39 20.51 -20.05
C GLY B 140 -15.75 19.66 -21.15
N ASN B 141 -15.44 18.41 -20.82
CA ASN B 141 -14.75 17.47 -21.70
C ASN B 141 -15.72 16.39 -22.14
N PRO B 142 -15.98 16.26 -23.46
CA PRO B 142 -16.92 15.22 -23.91
C PRO B 142 -16.34 13.82 -23.87
N ASP B 143 -15.01 13.70 -23.92
CA ASP B 143 -14.34 12.40 -24.08
C ASP B 143 -13.57 12.04 -22.82
N LEU B 144 -13.03 10.82 -22.83
CA LEU B 144 -12.28 10.23 -21.75
C LEU B 144 -11.04 9.56 -22.35
N ILE B 145 -9.90 9.67 -21.66
CA ILE B 145 -8.63 9.10 -22.17
C ILE B 145 -7.91 8.34 -21.06
N LEU B 146 -7.49 7.11 -21.34
CA LEU B 146 -6.62 6.37 -20.42
C LEU B 146 -5.20 6.89 -20.57
N PRO B 147 -4.56 7.27 -19.43
CA PRO B 147 -3.21 7.87 -19.43
C PRO B 147 -2.09 6.87 -19.60
N VAL B 148 -0.94 7.31 -20.10
CA VAL B 148 0.26 6.48 -19.98
C VAL B 148 0.71 6.61 -18.52
N PRO B 149 0.99 5.47 -17.85
CA PRO B 149 1.50 5.55 -16.47
C PRO B 149 3.01 5.80 -16.49
N ALA B 150 3.51 6.59 -15.53
CA ALA B 150 4.96 6.90 -15.40
C ALA B 150 5.41 6.34 -14.05
N PHE B 151 6.19 5.26 -14.10
CA PHE B 151 6.58 4.50 -12.89
C PHE B 151 7.99 4.89 -12.37
N ASN B 152 8.07 5.43 -11.14
CA ASN B 152 9.34 5.85 -10.53
C ASN B 152 10.11 4.67 -9.94
N VAL B 153 10.93 4.04 -10.75
CA VAL B 153 11.56 2.77 -10.36
C VAL B 153 13.00 2.86 -9.85
N ILE B 154 13.73 3.95 -10.18
CA ILE B 154 15.03 4.24 -9.56
C ILE B 154 14.96 5.63 -8.93
N ASN B 155 15.41 5.70 -7.69
CA ASN B 155 15.21 6.84 -6.78
C ASN B 155 16.54 7.40 -6.27
N GLY B 156 16.67 8.72 -6.28
CA GLY B 156 17.84 9.49 -5.77
C GLY B 156 17.27 10.72 -5.02
N GLY B 157 18.07 11.77 -4.96
CA GLY B 157 17.63 13.03 -4.39
C GLY B 157 17.63 13.04 -2.88
N SER B 158 16.99 14.07 -2.32
CA SER B 158 17.15 14.41 -0.90
C SER B 158 16.67 13.36 0.08
N HIS B 159 15.71 12.55 -0.33
CA HIS B 159 15.12 11.57 0.55
C HIS B 159 15.63 10.13 0.34
N ALA B 160 16.66 9.94 -0.50
CA ALA B 160 17.30 8.63 -0.69
C ALA B 160 18.72 8.69 -0.13
N GLY B 161 19.19 7.59 0.49
CA GLY B 161 20.50 7.54 1.13
C GLY B 161 21.70 7.15 0.26
N ASN B 162 21.48 7.04 -1.05
CA ASN B 162 22.56 6.95 -2.02
C ASN B 162 23.13 8.36 -2.33
N LYS B 163 24.13 8.42 -3.19
CA LYS B 163 24.69 9.71 -3.63
C LYS B 163 23.99 10.32 -4.84
N LEU B 164 23.20 9.50 -5.56
CA LEU B 164 22.50 9.86 -6.78
C LEU B 164 21.70 11.14 -6.58
N ALA B 165 22.05 12.20 -7.32
CA ALA B 165 21.51 13.53 -7.02
C ALA B 165 20.12 13.74 -7.58
N MET B 166 19.87 13.22 -8.76
CA MET B 166 18.56 13.47 -9.39
C MET B 166 17.50 12.52 -8.73
N GLN B 167 16.26 12.99 -8.66
CA GLN B 167 15.28 12.40 -7.72
C GLN B 167 14.51 11.17 -8.24
N GLU B 168 13.97 11.26 -9.45
CA GLU B 168 13.06 10.22 -10.00
C GLU B 168 13.48 9.81 -11.41
N PHE B 169 13.65 8.50 -11.61
CA PHE B 169 13.89 7.92 -12.93
C PHE B 169 12.69 7.02 -13.26
N MET B 170 11.87 7.43 -14.23
CA MET B 170 10.61 6.81 -14.49
C MET B 170 10.61 6.11 -15.87
N ILE B 171 9.87 5.00 -15.95
CA ILE B 171 9.61 4.30 -17.21
C ILE B 171 8.13 4.55 -17.62
N LEU B 172 7.93 4.88 -18.89
CA LEU B 172 6.60 5.15 -19.48
C LEU B 172 6.39 4.19 -20.66
N PRO B 173 5.43 3.24 -20.57
CA PRO B 173 5.12 2.33 -21.69
C PRO B 173 4.20 2.97 -22.73
N VAL B 174 4.72 3.99 -23.42
CA VAL B 174 3.97 4.70 -24.48
C VAL B 174 3.57 3.83 -25.68
N GLY B 175 4.30 2.74 -25.91
CA GLY B 175 4.04 1.83 -27.02
C GLY B 175 3.09 0.68 -26.73
N ALA B 176 2.59 0.59 -25.50
CA ALA B 176 1.55 -0.35 -25.16
C ALA B 176 0.25 -0.19 -25.97
N SER B 177 -0.47 -1.30 -26.15
CA SER B 177 -1.70 -1.33 -26.93
C SER B 177 -2.96 -0.88 -26.15
N SER B 178 -2.82 -0.80 -24.83
CA SER B 178 -3.91 -0.52 -23.88
C SER B 178 -3.27 -0.23 -22.53
N PHE B 179 -4.08 0.26 -21.59
CA PHE B 179 -3.60 0.47 -20.23
C PHE B 179 -3.23 -0.83 -19.52
N LYS B 180 -4.06 -1.86 -19.70
CA LYS B 180 -3.80 -3.23 -19.15
C LYS B 180 -2.41 -3.71 -19.57
N GLU B 181 -2.09 -3.54 -20.85
CA GLU B 181 -0.78 -3.94 -21.34
C GLU B 181 0.33 -3.02 -20.84
N ALA B 182 0.04 -1.73 -20.64
CA ALA B 182 1.02 -0.84 -20.04
C ALA B 182 1.41 -1.28 -18.62
N MET B 183 0.44 -1.80 -17.87
CA MET B 183 0.76 -2.35 -16.56
C MET B 183 1.62 -3.61 -16.65
N ARG B 184 1.31 -4.51 -17.61
CA ARG B 184 2.13 -5.72 -17.79
C ARG B 184 3.56 -5.33 -18.10
N ILE B 185 3.74 -4.40 -19.05
CA ILE B 185 5.09 -3.97 -19.43
C ILE B 185 5.81 -3.35 -18.22
N GLY B 186 5.15 -2.43 -17.57
CA GLY B 186 5.70 -1.81 -16.38
C GLY B 186 6.14 -2.76 -15.27
N ALA B 187 5.26 -3.70 -14.93
CA ALA B 187 5.58 -4.69 -13.92
C ALA B 187 6.71 -5.62 -14.35
N GLU B 188 6.72 -6.04 -15.61
CA GLU B 188 7.79 -6.97 -16.05
C GLU B 188 9.15 -6.29 -16.04
N VAL B 189 9.20 -5.04 -16.49
CA VAL B 189 10.46 -4.25 -16.45
C VAL B 189 10.96 -4.08 -14.99
N TYR B 190 10.02 -3.76 -14.11
CA TYR B 190 10.31 -3.68 -12.65
C TYR B 190 10.87 -4.97 -12.08
N HIS B 191 10.26 -6.11 -12.40
CA HIS B 191 10.74 -7.39 -11.88
C HIS B 191 12.15 -7.67 -12.40
N HIS B 192 12.40 -7.45 -13.70
CA HIS B 192 13.75 -7.64 -14.23
C HIS B 192 14.75 -6.66 -13.61
N LEU B 193 14.33 -5.42 -13.39
CA LEU B 193 15.18 -4.43 -12.70
C LEU B 193 15.63 -4.93 -11.31
N LYS B 194 14.71 -5.52 -10.53
CA LYS B 194 15.09 -6.01 -9.21
C LYS B 194 16.19 -7.08 -9.29
N GLY B 195 16.06 -8.00 -10.25
CA GLY B 195 17.04 -9.03 -10.40
C GLY B 195 18.39 -8.49 -10.80
N VAL B 196 18.40 -7.50 -11.70
CA VAL B 196 19.65 -6.84 -12.11
C VAL B 196 20.32 -6.16 -10.91
N ILE B 197 19.52 -5.45 -10.10
CA ILE B 197 20.04 -4.79 -8.90
C ILE B 197 20.61 -5.78 -7.89
N LYS B 198 19.90 -6.88 -7.65
CA LYS B 198 20.40 -7.90 -6.72
C LYS B 198 21.75 -8.40 -7.18
N ALA B 199 21.88 -8.72 -8.48
CA ALA B 199 23.14 -9.24 -9.03
C ALA B 199 24.30 -8.24 -9.00
N LYS B 200 24.04 -7.02 -9.44
CA LYS B 200 25.07 -6.02 -9.60
C LYS B 200 25.45 -5.30 -8.29
N TYR B 201 24.45 -5.00 -7.46
CA TYR B 201 24.66 -4.19 -6.23
C TYR B 201 24.61 -4.97 -4.92
N GLY B 202 23.97 -6.15 -4.94
CA GLY B 202 23.98 -7.06 -3.80
C GLY B 202 22.59 -7.49 -3.34
N LYS B 203 22.60 -8.60 -2.61
CA LYS B 203 21.40 -9.20 -2.00
C LYS B 203 20.71 -8.25 -1.00
N ASP B 204 21.45 -7.24 -0.52
CA ASP B 204 20.94 -6.23 0.41
C ASP B 204 20.47 -4.94 -0.24
N ALA B 205 20.37 -4.91 -1.59
CA ALA B 205 20.10 -3.68 -2.33
C ALA B 205 18.71 -3.53 -2.91
N THR B 206 17.81 -4.45 -2.54
CA THR B 206 16.49 -4.51 -3.18
C THR B 206 15.27 -4.09 -2.31
N ASN B 207 15.48 -3.50 -1.13
CA ASN B 207 14.33 -2.91 -0.43
C ASN B 207 13.89 -1.61 -1.15
N VAL B 208 12.67 -1.17 -0.86
CA VAL B 208 12.03 -0.08 -1.56
C VAL B 208 11.83 1.20 -0.77
N GLY B 209 11.70 2.29 -1.50
CA GLY B 209 11.43 3.61 -0.92
C GLY B 209 9.94 3.90 -0.76
N ASP B 210 9.61 5.13 -0.39
CA ASP B 210 8.22 5.54 -0.10
C ASP B 210 7.24 5.29 -1.25
N GLU B 211 7.76 5.35 -2.49
CA GLU B 211 6.94 5.17 -3.69
C GLU B 211 7.13 3.80 -4.40
N GLY B 212 7.84 2.87 -3.77
CA GLY B 212 8.02 1.50 -4.29
C GLY B 212 9.19 1.26 -5.20
N GLY B 213 10.02 2.27 -5.48
CA GLY B 213 11.22 2.08 -6.28
C GLY B 213 12.45 1.70 -5.49
N PHE B 214 13.57 1.53 -6.20
CA PHE B 214 14.81 1.08 -5.62
C PHE B 214 15.81 2.23 -5.54
N ALA B 215 16.72 2.13 -4.57
CA ALA B 215 17.79 3.13 -4.33
C ALA B 215 19.15 2.50 -4.26
N PRO B 216 19.63 1.94 -5.39
CA PRO B 216 21.00 1.40 -5.36
C PRO B 216 22.02 2.48 -5.02
N ASN B 217 23.14 2.11 -4.40
CA ASN B 217 24.17 3.06 -4.01
C ASN B 217 25.07 3.36 -5.21
N ILE B 218 24.57 4.27 -6.02
CA ILE B 218 25.28 4.84 -7.17
C ILE B 218 25.31 6.37 -7.08
N LEU B 219 26.26 6.98 -7.80
CA LEU B 219 26.40 8.44 -7.91
C LEU B 219 26.00 8.97 -9.29
N GLU B 220 26.44 8.28 -10.34
CA GLU B 220 26.27 8.82 -11.71
C GLU B 220 24.84 8.72 -12.23
N ASN B 221 24.27 9.85 -12.65
CA ASN B 221 22.92 9.81 -13.17
C ASN B 221 22.86 9.00 -14.47
N ASN B 222 23.97 9.00 -15.23
CA ASN B 222 24.05 8.09 -16.40
C ASN B 222 23.93 6.63 -16.02
N GLU B 223 24.47 6.25 -14.84
CA GLU B 223 24.39 4.85 -14.41
C GLU B 223 22.93 4.50 -14.08
N ALA B 224 22.16 5.45 -13.56
CA ALA B 224 20.71 5.22 -13.28
C ALA B 224 19.96 5.02 -14.59
N LEU B 225 20.26 5.86 -15.57
CA LEU B 225 19.62 5.74 -16.89
C LEU B 225 19.98 4.38 -17.56
N GLU B 226 21.25 3.98 -17.48
CA GLU B 226 21.66 2.70 -18.03
C GLU B 226 20.94 1.52 -17.34
N LEU B 227 20.64 1.63 -16.04
CA LEU B 227 19.86 0.56 -15.37
C LEU B 227 18.46 0.42 -15.93
N LEU B 228 17.79 1.55 -16.20
CA LEU B 228 16.49 1.50 -16.82
C LEU B 228 16.64 0.84 -18.19
N LYS B 229 17.64 1.24 -18.95
CA LYS B 229 17.83 0.65 -20.29
C LYS B 229 18.05 -0.88 -20.19
N THR B 230 18.90 -1.30 -19.28
CA THR B 230 19.11 -2.71 -19.04
C THR B 230 17.84 -3.45 -18.69
N ALA B 231 17.03 -2.91 -17.78
CA ALA B 231 15.75 -3.56 -17.42
C ALA B 231 14.73 -3.63 -18.56
N ILE B 232 14.60 -2.53 -19.32
CA ILE B 232 13.73 -2.51 -20.49
C ILE B 232 14.17 -3.61 -21.49
N GLN B 233 15.49 -3.71 -21.72
CA GLN B 233 15.99 -4.68 -22.71
C GLN B 233 15.83 -6.13 -22.19
N ALA B 234 15.99 -6.32 -20.89
CA ALA B 234 15.87 -7.63 -20.25
C ALA B 234 14.45 -8.16 -20.35
N ALA B 235 13.48 -7.27 -20.20
CA ALA B 235 12.06 -7.59 -20.37
C ALA B 235 11.62 -7.73 -21.83
N GLY B 236 12.40 -7.16 -22.74
CA GLY B 236 12.18 -7.26 -24.18
C GLY B 236 11.25 -6.21 -24.78
N TYR B 237 11.19 -5.01 -24.19
CA TYR B 237 10.34 -3.91 -24.71
C TYR B 237 11.08 -2.60 -25.13
N PRO B 238 12.27 -2.74 -25.76
CA PRO B 238 13.00 -1.49 -26.10
C PRO B 238 12.23 -0.57 -27.02
N ASP B 239 11.32 -1.16 -27.82
CA ASP B 239 10.54 -0.43 -28.81
C ASP B 239 9.28 0.24 -28.25
N LYS B 240 9.01 0.02 -26.97
CA LYS B 240 7.72 0.46 -26.39
C LYS B 240 7.81 1.26 -25.11
N VAL B 241 9.01 1.44 -24.57
CA VAL B 241 9.20 2.16 -23.31
C VAL B 241 10.14 3.36 -23.51
N VAL B 242 9.71 4.50 -23.01
CA VAL B 242 10.52 5.70 -22.92
C VAL B 242 10.77 6.12 -21.48
N ILE B 243 11.61 7.13 -21.28
CA ILE B 243 12.04 7.50 -19.92
C ILE B 243 11.63 8.94 -19.57
N GLY B 244 11.14 9.13 -18.34
CA GLY B 244 10.87 10.46 -17.77
C GLY B 244 11.74 10.65 -16.54
N MET B 245 12.17 11.90 -16.30
CA MET B 245 13.02 12.21 -15.13
C MET B 245 12.38 13.31 -14.28
N ASP B 246 12.62 13.23 -12.97
CA ASP B 246 12.43 14.40 -12.06
C ASP B 246 13.75 14.71 -11.39
N VAL B 247 14.34 15.82 -11.80
CA VAL B 247 15.64 16.25 -11.32
C VAL B 247 15.49 16.86 -9.90
N ALA B 248 14.42 17.61 -9.69
CA ALA B 248 14.20 18.40 -8.45
C ALA B 248 15.44 19.26 -8.11
N ALA B 249 15.89 20.06 -9.09
CA ALA B 249 17.15 20.81 -8.99
C ALA B 249 17.17 21.85 -7.87
N SER B 250 16.03 22.34 -7.41
CA SER B 250 16.02 23.23 -6.23
C SER B 250 16.72 22.60 -5.01
N GLU B 251 16.66 21.28 -4.91
CA GLU B 251 17.29 20.59 -3.82
C GLU B 251 18.81 20.69 -3.83
N PHE B 252 19.43 20.97 -5.00
CA PHE B 252 20.90 21.00 -5.05
C PHE B 252 21.55 22.29 -5.58
N TYR B 253 20.73 23.33 -5.73
CA TYR B 253 21.21 24.66 -6.06
C TYR B 253 21.86 25.32 -4.85
N ARG B 254 23.02 25.93 -5.06
CA ARG B 254 23.75 26.63 -3.99
C ARG B 254 24.63 27.73 -4.57
N ASN B 255 24.47 28.94 -4.07
CA ASN B 255 25.34 30.06 -4.44
C ASN B 255 25.50 30.18 -5.96
N GLY B 256 24.36 30.05 -6.65
CA GLY B 256 24.31 30.30 -8.11
C GLY B 256 24.72 29.14 -9.00
N LYS B 257 25.09 28.00 -8.42
CA LYS B 257 25.52 26.83 -9.18
C LYS B 257 24.77 25.58 -8.67
N TYR B 258 25.06 24.43 -9.29
CA TYR B 258 24.31 23.19 -9.04
C TYR B 258 25.29 22.09 -8.62
N ASP B 259 24.94 21.34 -7.58
CA ASP B 259 25.83 20.32 -7.00
C ASP B 259 25.30 18.90 -7.26
N LEU B 260 25.87 18.19 -8.25
CA LEU B 260 25.44 16.80 -8.49
C LEU B 260 26.04 15.74 -7.56
N ASP B 261 26.72 16.16 -6.51
CA ASP B 261 27.13 15.26 -5.43
C ASP B 261 26.77 15.88 -4.07
N PHE B 262 25.56 16.45 -3.98
CA PHE B 262 25.17 17.26 -2.78
C PHE B 262 24.95 16.49 -1.49
N LYS B 263 24.93 15.15 -1.58
CA LYS B 263 24.80 14.32 -0.39
C LYS B 263 26.19 13.85 0.09
N SER B 264 27.24 14.44 -0.50
CA SER B 264 28.61 14.29 0.01
C SER B 264 29.04 15.61 0.68
N PRO B 265 29.99 15.55 1.61
CA PRO B 265 30.31 16.80 2.31
C PRO B 265 30.64 17.99 1.39
N ASP B 266 30.14 19.18 1.77
CA ASP B 266 30.25 20.42 1.00
C ASP B 266 31.60 20.61 0.28
N ASP B 267 31.51 20.84 -1.04
CA ASP B 267 32.70 21.13 -1.87
C ASP B 267 32.31 21.89 -3.15
N PRO B 268 32.40 23.23 -3.11
CA PRO B 268 32.03 24.04 -4.27
C PRO B 268 32.87 23.80 -5.52
N ALA B 269 34.05 23.19 -5.38
CA ALA B 269 34.88 22.89 -6.55
C ALA B 269 34.15 22.00 -7.56
N ARG B 270 33.19 21.18 -7.07
CA ARG B 270 32.48 20.20 -7.93
C ARG B 270 31.20 20.76 -8.52
N HIS B 271 30.80 21.97 -8.08
CA HIS B 271 29.57 22.58 -8.61
C HIS B 271 29.72 22.95 -10.09
N ILE B 272 28.61 22.89 -10.82
CA ILE B 272 28.56 23.23 -12.24
C ILE B 272 27.56 24.35 -12.47
N THR B 273 27.77 25.12 -13.53
CA THR B 273 26.83 26.16 -13.92
C THR B 273 25.55 25.58 -14.50
N GLY B 274 24.52 26.42 -14.53
CA GLY B 274 23.26 26.08 -15.17
C GLY B 274 23.46 25.71 -16.64
N GLU B 275 24.42 26.37 -17.29
CA GLU B 275 24.68 26.05 -18.70
C GLU B 275 25.28 24.66 -18.84
N LYS B 276 26.26 24.28 -18.00
CA LYS B 276 26.80 22.92 -18.06
C LYS B 276 25.73 21.86 -17.70
N LEU B 277 24.85 22.19 -16.76
CA LEU B 277 23.74 21.31 -16.42
C LEU B 277 22.80 21.05 -17.63
N GLY B 278 22.46 22.11 -18.36
CA GLY B 278 21.66 21.99 -19.58
C GLY B 278 22.34 21.12 -20.63
N GLU B 279 23.66 21.25 -20.76
CA GLU B 279 24.44 20.40 -21.69
C GLU B 279 24.36 18.92 -21.26
N LEU B 280 24.39 18.65 -19.95
CA LEU B 280 24.22 17.29 -19.48
C LEU B 280 22.85 16.76 -19.88
N TYR B 281 21.80 17.57 -19.73
CA TYR B 281 20.46 17.10 -20.13
C TYR B 281 20.41 16.77 -21.62
N LYS B 282 21.08 17.57 -22.44
CA LYS B 282 21.10 17.30 -23.88
C LYS B 282 21.80 15.98 -24.18
N SER B 283 22.83 15.66 -23.38
CA SER B 283 23.46 14.35 -23.53
C SER B 283 22.49 13.22 -23.14
N PHE B 284 21.70 13.41 -22.08
CA PHE B 284 20.69 12.41 -21.71
C PHE B 284 19.74 12.11 -22.87
N ILE B 285 19.26 13.18 -23.50
CA ILE B 285 18.29 13.14 -24.57
C ILE B 285 18.86 12.45 -25.84
N LYS B 286 20.15 12.67 -26.08
CA LYS B 286 20.85 12.06 -27.17
C LYS B 286 21.12 10.57 -26.94
N ASN B 287 21.43 10.20 -25.72
CA ASN B 287 21.94 8.84 -25.42
C ASN B 287 20.90 7.82 -24.98
N TYR B 288 19.74 8.34 -24.54
CA TYR B 288 18.65 7.59 -23.93
C TYR B 288 17.34 8.18 -24.39
N PRO B 289 16.26 7.38 -24.34
CA PRO B 289 14.92 7.82 -24.77
C PRO B 289 14.20 8.70 -23.74
N VAL B 290 14.86 9.78 -23.34
CA VAL B 290 14.35 10.68 -22.32
C VAL B 290 13.43 11.67 -23.05
N VAL B 291 12.16 11.65 -22.69
CA VAL B 291 11.12 12.42 -23.35
C VAL B 291 10.53 13.51 -22.48
N SER B 292 10.88 13.51 -21.20
CA SER B 292 10.29 14.46 -20.21
C SER B 292 11.25 14.66 -19.06
N ILE B 293 11.45 15.91 -18.66
CA ILE B 293 12.31 16.27 -17.52
C ILE B 293 11.55 17.30 -16.67
N GLU B 294 11.39 16.95 -15.40
CA GLU B 294 10.72 17.77 -14.39
C GLU B 294 11.73 18.54 -13.54
N ASP B 295 11.43 19.82 -13.25
CA ASP B 295 12.30 20.65 -12.42
C ASP B 295 13.79 20.59 -12.78
N PRO B 296 14.12 20.86 -14.07
CA PRO B 296 15.52 20.86 -14.49
C PRO B 296 16.40 21.91 -13.81
N PHE B 297 15.80 23.01 -13.39
CA PHE B 297 16.53 24.10 -12.73
C PHE B 297 15.84 24.53 -11.43
N ASP B 298 16.54 25.36 -10.65
CA ASP B 298 15.98 25.86 -9.38
C ASP B 298 14.68 26.65 -9.62
N GLN B 299 13.81 26.61 -8.61
CA GLN B 299 12.50 27.29 -8.66
C GLN B 299 12.46 28.78 -8.92
N ASP B 300 13.58 29.47 -8.70
CA ASP B 300 13.71 30.89 -8.99
C ASP B 300 14.69 31.22 -10.13
N ASP B 301 15.22 30.20 -10.80
CA ASP B 301 16.24 30.40 -11.86
C ASP B 301 15.54 30.55 -13.23
N TRP B 302 14.67 31.55 -13.34
CA TRP B 302 13.71 31.64 -14.43
C TRP B 302 14.39 31.74 -15.80
N ALA B 303 15.39 32.61 -15.92
CA ALA B 303 16.00 32.85 -17.24
C ALA B 303 16.64 31.57 -17.82
N THR B 304 17.13 30.72 -16.92
CA THR B 304 17.76 29.46 -17.32
C THR B 304 16.72 28.45 -17.84
N TRP B 305 15.56 28.36 -17.20
CA TRP B 305 14.47 27.51 -17.71
C TRP B 305 14.07 27.99 -19.13
N THR B 306 13.80 29.28 -19.27
CA THR B 306 13.40 29.88 -20.55
C THR B 306 14.39 29.62 -21.69
N SER B 307 15.66 29.82 -21.43
CA SER B 307 16.71 29.52 -22.43
C SER B 307 16.76 28.06 -22.80
N PHE B 308 16.72 27.19 -21.78
CA PHE B 308 16.79 25.75 -22.02
C PHE B 308 15.66 25.23 -22.88
N LEU B 309 14.43 25.65 -22.58
CA LEU B 309 13.25 25.14 -23.27
C LEU B 309 13.27 25.54 -24.75
N SER B 310 13.80 26.72 -25.06
CA SER B 310 13.82 27.20 -26.43
C SER B 310 14.72 26.35 -27.35
N GLY B 311 15.63 25.59 -26.76
CA GLY B 311 16.55 24.76 -27.52
C GLY B 311 16.34 23.26 -27.46
N VAL B 312 15.23 22.79 -26.88
CA VAL B 312 14.92 21.35 -26.88
C VAL B 312 13.47 21.14 -27.36
N ASN B 313 13.14 19.90 -27.75
CA ASN B 313 11.76 19.59 -28.19
C ASN B 313 11.01 18.63 -27.29
N ILE B 314 11.59 18.27 -26.15
CA ILE B 314 10.96 17.38 -25.17
C ILE B 314 10.01 18.10 -24.19
N GLN B 315 9.30 17.30 -23.41
CA GLN B 315 8.44 17.84 -22.34
C GLN B 315 9.30 18.31 -21.15
N ILE B 316 8.96 19.50 -20.66
CA ILE B 316 9.63 20.14 -19.50
C ILE B 316 8.53 20.46 -18.48
N VAL B 317 8.60 19.80 -17.31
CA VAL B 317 7.51 19.82 -16.33
C VAL B 317 7.87 20.70 -15.13
N GLY B 318 6.95 21.60 -14.76
CA GLY B 318 7.09 22.35 -13.52
C GLY B 318 6.43 21.63 -12.33
N ASP B 319 7.17 21.54 -11.22
CA ASP B 319 6.63 21.02 -9.95
C ASP B 319 6.90 22.08 -8.86
N ASP B 320 8.12 22.15 -8.33
CA ASP B 320 8.51 23.22 -7.40
C ASP B 320 8.45 24.60 -8.05
N LEU B 321 8.60 24.65 -9.37
CA LEU B 321 8.46 25.93 -10.08
C LEU B 321 7.07 26.55 -9.95
N THR B 322 6.05 25.70 -10.08
CA THR B 322 4.66 26.11 -10.29
C THR B 322 3.72 25.85 -9.10
N VAL B 323 3.97 24.75 -8.39
CA VAL B 323 3.28 24.39 -7.16
C VAL B 323 1.75 24.45 -7.22
N THR B 324 1.20 24.01 -8.34
CA THR B 324 -0.25 24.00 -8.62
C THR B 324 -0.91 25.35 -8.20
N ASN B 325 -0.16 26.42 -8.42
CA ASN B 325 -0.52 27.75 -7.97
C ASN B 325 -0.75 28.69 -9.17
N PRO B 326 -1.96 29.25 -9.31
CA PRO B 326 -2.28 30.12 -10.43
C PRO B 326 -1.29 31.24 -10.73
N LYS B 327 -0.87 32.02 -9.73
CA LYS B 327 0.07 33.12 -9.99
C LYS B 327 1.44 32.62 -10.49
N ARG B 328 1.97 31.55 -9.90
CA ARG B 328 3.24 30.95 -10.32
C ARG B 328 3.14 30.41 -11.76
N ILE B 329 2.04 29.70 -12.04
CA ILE B 329 1.80 29.16 -13.36
C ILE B 329 1.76 30.28 -14.41
N ALA B 330 1.06 31.37 -14.08
CA ALA B 330 0.93 32.51 -15.01
C ALA B 330 2.30 33.09 -15.36
N GLN B 331 3.19 33.17 -14.37
CA GLN B 331 4.57 33.59 -14.59
C GLN B 331 5.29 32.66 -15.59
N ALA B 332 5.16 31.36 -15.34
CA ALA B 332 5.73 30.33 -16.22
C ALA B 332 5.22 30.38 -17.66
N VAL B 333 3.92 30.62 -17.83
CA VAL B 333 3.35 30.71 -19.15
C VAL B 333 3.93 31.94 -19.88
N GLU B 334 3.90 33.08 -19.20
CA GLU B 334 4.38 34.33 -19.78
C GLU B 334 5.88 34.28 -20.13
N LYS B 335 6.68 33.64 -19.28
CA LYS B 335 8.13 33.58 -19.49
C LYS B 335 8.56 32.39 -20.37
N LYS B 336 7.60 31.55 -20.76
CA LYS B 336 7.85 30.31 -21.53
C LYS B 336 8.93 29.49 -20.85
N ALA B 337 8.73 29.27 -19.55
CA ALA B 337 9.72 28.57 -18.70
C ALA B 337 9.59 27.07 -18.80
N CYS B 338 8.36 26.58 -19.04
CA CYS B 338 8.09 25.13 -19.16
C CYS B 338 6.89 24.88 -20.08
N ASN B 339 6.56 23.61 -20.34
CA ASN B 339 5.45 23.28 -21.22
C ASN B 339 4.56 22.16 -20.68
N CYS B 340 4.66 21.84 -19.40
CA CYS B 340 3.80 20.87 -18.75
C CYS B 340 3.66 21.20 -17.28
N LEU B 341 2.43 21.10 -16.76
CA LEU B 341 2.10 21.33 -15.36
C LEU B 341 1.98 20.00 -14.63
N LEU B 342 2.69 19.86 -13.51
CA LEU B 342 2.42 18.75 -12.60
C LEU B 342 1.23 19.16 -11.75
N LEU B 343 0.22 18.28 -11.66
CA LEU B 343 -1.00 18.61 -10.91
C LEU B 343 -1.11 17.81 -9.59
N LYS B 344 -0.94 18.52 -8.48
CA LYS B 344 -1.12 18.00 -7.12
C LYS B 344 -2.33 18.65 -6.47
N VAL B 345 -3.43 17.90 -6.40
CA VAL B 345 -4.69 18.47 -5.91
C VAL B 345 -4.57 19.07 -4.51
N ASN B 346 -3.78 18.45 -3.63
CA ASN B 346 -3.70 18.95 -2.27
C ASN B 346 -2.86 20.24 -2.15
N GLN B 347 -2.10 20.60 -3.18
CA GLN B 347 -1.35 21.86 -3.12
C GLN B 347 -2.26 23.06 -3.33
N ILE B 348 -3.39 22.84 -3.99
CA ILE B 348 -4.33 23.96 -4.24
C ILE B 348 -5.57 23.84 -3.33
N GLY B 349 -6.03 22.61 -3.07
CA GLY B 349 -6.98 22.36 -1.99
C GLY B 349 -8.46 22.17 -2.30
N SER B 350 -8.85 22.15 -3.56
CA SER B 350 -10.26 21.89 -3.94
C SER B 350 -10.29 21.22 -5.31
N VAL B 351 -11.36 20.50 -5.56
CA VAL B 351 -11.51 19.81 -6.84
C VAL B 351 -11.68 20.86 -7.94
N THR B 352 -12.48 21.89 -7.66
CA THR B 352 -12.78 22.90 -8.69
C THR B 352 -11.51 23.64 -9.13
N GLU B 353 -10.70 24.06 -8.17
CA GLU B 353 -9.45 24.78 -8.48
C GLU B 353 -8.46 23.90 -9.24
N SER B 354 -8.42 22.60 -8.93
CA SER B 354 -7.56 21.67 -9.60
C SER B 354 -7.95 21.55 -11.07
N ILE B 355 -9.26 21.37 -11.32
CA ILE B 355 -9.81 21.36 -12.69
C ILE B 355 -9.52 22.67 -13.43
N GLN B 356 -9.77 23.82 -12.78
CA GLN B 356 -9.48 25.12 -13.39
C GLN B 356 -8.02 25.23 -13.81
N ALA B 357 -7.10 24.82 -12.94
CA ALA B 357 -5.66 24.89 -13.22
C ALA B 357 -5.29 24.02 -14.44
N CYS B 358 -5.80 22.81 -14.47
CA CYS B 358 -5.59 21.91 -15.61
C CYS B 358 -6.04 22.56 -16.93
N LYS B 359 -7.28 23.05 -16.95
CA LYS B 359 -7.87 23.64 -18.15
C LYS B 359 -7.07 24.86 -18.62
N LEU B 360 -6.61 25.68 -17.68
CA LEU B 360 -5.85 26.87 -18.06
C LEU B 360 -4.48 26.50 -18.67
N ALA B 361 -3.80 25.52 -18.08
CA ALA B 361 -2.56 25.03 -18.69
C ALA B 361 -2.85 24.51 -20.11
N GLN B 362 -3.87 23.67 -20.23
CA GLN B 362 -4.25 23.14 -21.56
C GLN B 362 -4.57 24.23 -22.59
N SER B 363 -5.25 25.30 -22.17
CA SER B 363 -5.59 26.41 -23.05
C SER B 363 -4.36 27.17 -23.57
N ASN B 364 -3.27 27.12 -22.80
CA ASN B 364 -1.98 27.70 -23.20
C ASN B 364 -1.03 26.74 -23.92
N GLY B 365 -1.51 25.55 -24.26
CA GLY B 365 -0.75 24.58 -25.06
C GLY B 365 0.15 23.67 -24.29
N TRP B 366 0.04 23.70 -22.95
CA TRP B 366 0.82 22.85 -22.06
C TRP B 366 0.22 21.47 -21.89
N GLY B 367 1.06 20.49 -21.60
CA GLY B 367 0.58 19.22 -21.05
C GLY B 367 0.26 19.36 -19.58
N VAL B 368 -0.40 18.34 -19.01
CA VAL B 368 -0.64 18.20 -17.56
C VAL B 368 -0.37 16.75 -17.17
N MET B 369 0.47 16.57 -16.15
CA MET B 369 0.72 15.24 -15.54
C MET B 369 0.13 15.19 -14.13
N VAL B 370 -0.89 14.35 -13.92
CA VAL B 370 -1.46 14.21 -12.59
C VAL B 370 -0.46 13.47 -11.69
N SER B 371 -0.34 13.91 -10.44
CA SER B 371 0.64 13.35 -9.50
C SER B 371 0.10 12.88 -8.12
N HIS B 372 0.63 11.73 -7.66
CA HIS B 372 0.57 11.33 -6.26
C HIS B 372 1.40 12.25 -5.36
N ARG B 373 1.33 12.03 -4.05
CA ARG B 373 2.29 12.59 -3.11
C ARG B 373 3.06 11.46 -2.47
N SER B 374 4.16 11.75 -1.76
CA SER B 374 4.88 10.66 -1.12
C SER B 374 4.11 9.92 -0.01
N GLY B 375 3.31 10.67 0.74
CA GLY B 375 2.31 10.09 1.68
C GLY B 375 0.95 9.89 1.01
N GLU B 376 0.69 8.69 0.53
CA GLU B 376 -0.56 8.37 -0.15
C GLU B 376 -1.44 7.51 0.75
N THR B 377 -2.64 7.23 0.25
CA THR B 377 -3.56 6.30 0.92
C THR B 377 -4.12 5.31 -0.13
N GLU B 378 -5.02 4.46 0.37
CA GLU B 378 -5.84 3.52 -0.39
C GLU B 378 -6.86 4.22 -1.32
N ASP B 379 -7.00 5.54 -1.17
CA ASP B 379 -7.89 6.34 -2.03
C ASP B 379 -7.45 6.31 -3.51
N THR B 380 -8.42 6.16 -4.43
CA THR B 380 -8.10 6.09 -5.86
C THR B 380 -8.61 7.26 -6.67
N PHE B 381 -9.01 8.36 -6.04
CA PHE B 381 -9.61 9.49 -6.75
C PHE B 381 -8.81 9.98 -7.98
N ILE B 382 -7.48 10.08 -7.86
CA ILE B 382 -6.68 10.66 -8.93
C ILE B 382 -6.65 9.83 -10.24
N ALA B 383 -6.97 8.54 -10.14
CA ALA B 383 -7.20 7.69 -11.33
C ALA B 383 -8.42 8.18 -12.13
N ASP B 384 -9.57 8.29 -11.48
CA ASP B 384 -10.75 8.85 -12.16
C ASP B 384 -10.50 10.31 -12.66
N LEU B 385 -9.77 11.10 -11.86
CA LEU B 385 -9.40 12.47 -12.23
C LEU B 385 -8.64 12.53 -13.54
N VAL B 386 -7.56 11.78 -13.66
CA VAL B 386 -6.76 11.90 -14.86
C VAL B 386 -7.54 11.46 -16.11
N VAL B 387 -8.43 10.48 -15.97
CA VAL B 387 -9.23 10.01 -17.11
C VAL B 387 -10.20 11.12 -17.56
N GLY B 388 -10.90 11.74 -16.61
CA GLY B 388 -11.92 12.76 -16.93
C GLY B 388 -11.30 14.03 -17.49
N LEU B 389 -10.09 14.34 -17.04
CA LEU B 389 -9.36 15.52 -17.50
C LEU B 389 -8.63 15.30 -18.83
N CYS B 390 -8.56 14.05 -19.29
CA CYS B 390 -8.00 13.73 -20.61
C CYS B 390 -6.54 14.16 -20.79
N THR B 391 -5.73 14.10 -19.74
CA THR B 391 -4.36 14.66 -19.82
C THR B 391 -3.40 13.72 -20.54
N GLY B 392 -3.65 12.42 -20.46
CA GLY B 392 -2.80 11.44 -21.15
C GLY B 392 -1.62 10.94 -20.36
N GLN B 393 -1.44 11.45 -19.12
CA GLN B 393 -0.28 11.05 -18.29
C GLN B 393 -0.45 11.22 -16.77
N ILE B 394 -0.05 10.17 -16.04
CA ILE B 394 -0.07 10.14 -14.56
C ILE B 394 1.19 9.50 -14.00
N LYS B 395 1.70 10.08 -12.92
CA LYS B 395 2.74 9.41 -12.13
C LYS B 395 2.13 9.12 -10.75
N THR B 396 2.11 7.85 -10.36
CA THR B 396 1.58 7.47 -9.03
C THR B 396 2.29 6.24 -8.43
N GLY B 397 3.58 6.16 -8.66
CA GLY B 397 4.47 5.17 -8.07
C GLY B 397 5.05 4.11 -8.98
N ALA B 398 6.06 3.42 -8.47
CA ALA B 398 6.45 2.14 -9.03
C ALA B 398 5.25 1.21 -8.93
N PRO B 399 5.28 0.07 -9.63
CA PRO B 399 4.19 -0.91 -9.51
C PRO B 399 4.39 -1.81 -8.30
N CYS B 400 4.47 -1.16 -7.13
CA CYS B 400 4.80 -1.80 -5.88
C CYS B 400 4.28 -0.88 -4.78
N ARG B 401 3.67 -1.50 -3.76
CA ARG B 401 2.97 -0.85 -2.63
C ARG B 401 1.54 -0.48 -3.03
N SER B 402 0.55 -0.95 -2.27
CA SER B 402 -0.83 -0.80 -2.74
C SER B 402 -1.43 0.61 -2.70
N GLU B 403 -0.80 1.56 -2.01
CA GLU B 403 -1.22 2.96 -2.18
C GLU B 403 -0.89 3.50 -3.59
N ARG B 404 0.00 2.78 -4.27
CA ARG B 404 0.35 3.04 -5.68
C ARG B 404 -0.51 2.14 -6.59
N LEU B 405 -0.48 0.83 -6.36
CA LEU B 405 -1.25 -0.12 -7.19
C LEU B 405 -2.75 0.14 -7.12
N ALA B 406 -3.27 0.68 -6.01
CA ALA B 406 -4.69 0.97 -5.97
C ALA B 406 -5.10 1.87 -7.12
N LYS B 407 -4.26 2.86 -7.47
CA LYS B 407 -4.56 3.78 -8.59
C LYS B 407 -4.45 3.05 -9.95
N TYR B 408 -3.37 2.28 -10.12
CA TYR B 408 -3.15 1.54 -11.36
C TYR B 408 -4.25 0.49 -11.58
N ASN B 409 -4.66 -0.21 -10.52
CA ASN B 409 -5.74 -1.18 -10.61
C ASN B 409 -7.05 -0.51 -10.99
N GLN B 410 -7.30 0.65 -10.39
CA GLN B 410 -8.52 1.42 -10.73
C GLN B 410 -8.53 1.84 -12.21
N LEU B 411 -7.37 2.23 -12.73
CA LEU B 411 -7.27 2.59 -14.15
C LEU B 411 -7.56 1.37 -15.04
N MET B 412 -7.11 0.19 -14.60
CA MET B 412 -7.46 -1.04 -15.31
C MET B 412 -8.99 -1.27 -15.30
N ARG B 413 -9.62 -1.08 -14.14
CA ARG B 413 -11.07 -1.24 -14.02
C ARG B 413 -11.85 -0.23 -14.87
N ILE B 414 -11.35 0.99 -14.96
CA ILE B 414 -11.97 2.01 -15.79
C ILE B 414 -11.93 1.61 -17.28
N GLU B 415 -10.76 1.19 -17.76
CA GLU B 415 -10.64 0.73 -19.13
C GLU B 415 -11.57 -0.46 -19.40
N GLU B 416 -11.64 -1.41 -18.45
CA GLU B 416 -12.55 -2.55 -18.57
C GLU B 416 -13.99 -2.07 -18.76
N ALA B 417 -14.41 -1.11 -17.93
CA ALA B 417 -15.80 -0.63 -17.96
C ALA B 417 -16.15 0.05 -19.28
N LEU B 418 -15.14 0.69 -19.90
CA LEU B 418 -15.35 1.39 -21.16
C LEU B 418 -15.41 0.49 -22.40
N GLY B 419 -14.86 -0.71 -22.32
CA GLY B 419 -15.03 -1.71 -23.37
C GLY B 419 -14.31 -1.31 -24.65
N ASP B 420 -14.95 -1.62 -25.78
CA ASP B 420 -14.42 -1.27 -27.12
C ASP B 420 -14.42 0.25 -27.43
N LYS B 421 -14.91 1.07 -26.50
CA LYS B 421 -14.83 2.53 -26.60
C LYS B 421 -13.63 3.16 -25.90
N ALA B 422 -12.78 2.35 -25.25
CA ALA B 422 -11.63 2.86 -24.49
C ALA B 422 -10.56 3.36 -25.47
N ILE B 423 -9.98 4.51 -25.15
CA ILE B 423 -8.82 5.05 -25.88
C ILE B 423 -7.64 5.29 -24.92
N PHE B 424 -6.50 4.68 -25.26
CA PHE B 424 -5.26 4.78 -24.49
C PHE B 424 -4.37 5.81 -25.19
N ALA B 425 -3.83 6.74 -24.41
CA ALA B 425 -3.08 7.88 -25.01
C ALA B 425 -1.83 7.45 -25.77
N GLY B 426 -1.12 6.46 -25.26
CA GLY B 426 0.07 5.92 -25.94
C GLY B 426 1.06 7.01 -26.27
N ARG B 427 1.49 7.04 -27.52
CA ARG B 427 2.54 7.97 -27.93
C ARG B 427 2.08 9.43 -27.96
N LYS B 428 0.77 9.65 -27.83
CA LYS B 428 0.22 11.02 -27.71
C LYS B 428 0.05 11.50 -26.24
N PHE B 429 0.85 10.94 -25.33
CA PHE B 429 0.75 11.20 -23.88
C PHE B 429 0.85 12.69 -23.57
N ARG B 430 1.64 13.45 -24.35
CA ARG B 430 1.87 14.86 -24.03
C ARG B 430 0.62 15.68 -24.34
N ASN B 431 -0.09 15.27 -25.39
CA ASN B 431 -1.36 15.92 -25.79
C ASN B 431 -2.18 14.92 -26.59
N PRO B 432 -3.12 14.21 -25.91
CA PRO B 432 -3.94 13.19 -26.57
C PRO B 432 -4.77 13.67 -27.76
N LYS B 433 -5.02 14.99 -27.88
CA LYS B 433 -5.73 15.54 -29.07
C LYS B 433 -4.84 15.83 -30.29
N ALA B 434 -3.53 15.65 -30.18
CA ALA B 434 -2.64 15.97 -31.28
C ALA B 434 -2.97 15.08 -32.47
N LYS B 435 -2.70 15.60 -33.66
CA LYS B 435 -2.99 14.84 -34.88
C LYS B 435 -1.91 13.80 -35.15
MG MG C . 5.72 -17.39 9.44
P PO4 D . 4.36 -14.84 4.90
O1 PO4 D . 3.33 -15.00 3.67
O2 PO4 D . 5.83 -14.82 4.55
O3 PO4 D . 4.17 -15.82 6.06
O4 PO4 D . 3.86 -13.51 5.38
C1 EDO E . 11.49 4.30 3.31
O1 EDO E . 11.53 4.01 4.72
C2 EDO E . 11.82 5.76 2.98
O2 EDO E . 13.00 6.20 3.67
C1 EDO F . 16.99 5.03 2.07
O1 EDO F . 17.53 4.49 3.28
C2 EDO F . 17.64 4.32 0.86
O2 EDO F . 18.99 4.78 0.75
C1 EDO G . 21.80 -14.32 19.42
O1 EDO G . 22.28 -13.02 19.13
C2 EDO G . 22.22 -15.34 18.40
O2 EDO G . 21.82 -14.94 17.09
C1 EDO H . 13.93 -27.46 23.73
O1 EDO H . 14.77 -27.03 22.65
C2 EDO H . 13.79 -28.95 23.63
O2 EDO H . 12.96 -29.13 22.50
C1 EDO I . -0.47 6.09 24.53
O1 EDO I . -1.84 5.72 24.31
C2 EDO I . -0.35 7.55 24.87
O2 EDO I . -0.61 7.68 26.26
C1 EDO J . 7.61 -23.13 32.84
O1 EDO J . 7.35 -21.74 32.74
C2 EDO J . 6.65 -23.96 32.01
O2 EDO J . 5.27 -23.83 32.40
C1 EDO K . 1.41 -22.37 31.22
O1 EDO K . 1.02 -23.73 31.49
C2 EDO K . 2.89 -22.29 31.31
O2 EDO K . 3.52 -23.44 30.79
C1 EDO L . 12.33 11.70 15.67
O1 EDO L . 12.51 12.20 17.01
C2 EDO L . 12.44 10.17 15.64
O2 EDO L . 13.67 9.80 15.00
C1 EDO M . -3.77 -25.60 26.49
O1 EDO M . -3.67 -26.98 26.85
C2 EDO M . -3.22 -25.41 25.08
O2 EDO M . -1.84 -25.82 25.03
C1 EDO N . -11.48 -5.05 -1.96
O1 EDO N . -12.56 -4.11 -2.21
C2 EDO N . -10.65 -5.51 -3.16
O2 EDO N . -10.18 -4.47 -4.07
MG MG O . 8.95 16.70 -8.39
P PO4 P . 6.49 14.16 -4.28
O1 PO4 P . 5.42 14.61 -3.20
O2 PO4 P . 6.71 15.25 -5.29
O3 PO4 P . 5.85 12.99 -4.88
O4 PO4 P . 7.81 13.87 -3.60
C1 EDO Q . 17.25 -6.07 1.89
O1 EDO Q . 18.23 -6.93 2.42
C2 EDO Q . 16.72 -6.78 0.67
O2 EDO Q . 17.68 -6.60 -0.38
C1 EDO R . 26.49 12.88 -14.19
O1 EDO R . 25.79 12.58 -12.97
C2 EDO R . 26.07 11.92 -15.30
O2 EDO R . 26.47 10.60 -14.96
C1 EDO S . 16.79 -9.39 -15.12
O1 EDO S . 16.66 -10.41 -16.12
C2 EDO S . 16.67 -9.92 -13.70
O2 EDO S . 17.74 -10.84 -13.41
C1 EDO T . -8.96 -5.57 -15.69
O1 EDO T . -10.02 -6.41 -16.20
C2 EDO T . -7.66 -5.92 -16.42
O2 EDO T . -7.07 -7.13 -15.85
C1 EDO U . 11.33 -5.62 -1.36
O1 EDO U . 11.65 -5.34 -2.72
C2 EDO U . 12.30 -6.66 -0.82
O2 EDO U . 11.86 -7.90 -1.39
C1 EDO V . -14.16 8.75 -26.15
O1 EDO V . -14.43 8.97 -24.75
C2 EDO V . -12.72 8.34 -26.41
O2 EDO V . -11.80 9.43 -26.11
C1 EDO W . 20.45 27.25 -20.08
O1 EDO W . 21.63 28.02 -20.41
C2 EDO W . 19.97 26.62 -21.36
O2 EDO W . 20.79 25.52 -21.76
C1 EDO X . 3.09 -6.49 -23.97
O1 EDO X . 1.87 -5.80 -24.30
C2 EDO X . 3.05 -7.88 -24.56
O2 EDO X . 3.29 -7.79 -25.96
C1 EDO Y . 13.90 -12.42 -11.34
O1 EDO Y . 15.19 -11.90 -11.72
C2 EDO Y . 12.93 -12.09 -12.45
O2 EDO Y . 13.69 -12.15 -13.66
#